data_9IP7
#
_entry.id   9IP7
#
_cell.length_a   1.00
_cell.length_b   1.00
_cell.length_c   1.00
_cell.angle_alpha   90.00
_cell.angle_beta   90.00
_cell.angle_gamma   90.00
#
_symmetry.space_group_name_H-M   'P 1'
#
loop_
_entity.id
_entity.type
_entity.pdbx_description
1 polymer 'Epidermal growth factor receptor'
2 polymer '528 Fv from HL-type bispecific diabody Ex3'
3 branched 2-acetamido-2-deoxy-beta-D-glucopyranose-(1-4)-2-acetamido-2-deoxy-beta-D-glucopyranose
4 non-polymer 2-acetamido-2-deoxy-beta-D-glucopyranose
#
loop_
_entity_poly.entity_id
_entity_poly.type
_entity_poly.pdbx_seq_one_letter_code
_entity_poly.pdbx_strand_id
1 'polypeptide(L)'
;LEEKKVCQGTSNKLTQLGTFEDHFLSLQRMFNNCEVVLGNLEITYVQRNYDLSFLKTIQEVAGYVLIALNTVERIPLENL
QIIRGNMYYENSYALAVLSNYDANKTGLKELPMRNLQEILHGAVRFSNNPALCNVESIQWRDIVSSDFLSNMSMDFQNHL
GSCQKCDPSCPNGSCWGAGEENCQKLTKIICAQQCSGRCRGKSPSDCCHNQCAAGCTGPRESDCLVCRKFRDEATCKDTC
PPLMLYNPTTYQMDVNPEGKYSFGATCVKKCPRNYVVTDHGSCVRACGADSYEMEEDGVRKCKKCEGPCRKVCNGIGIGE
FKDSLSINATNIKHFKNCTSISGDLHILPVAFRGDSFTHTPPLDPQELDILKTVKEITGFLLIQAWPENRTDLHAFENLE
IIRGRTKQHGQFSLAVVSLNITSLGLRSLKEISDGDVIISGNKNLCYANTINWKKLFGTSGQKTKIISNRGENSCKATGQ
VCHALCSPEGCWGPEPRDCVSCRNVSRGRECVDKCNLLEGEPREFVENSECIQCHPECLPQAMNITCTGRGPDNCIQCAH
YIDGPHCVKTCPAGVMGENNTLVWKYADAGHVCHLCHPNCTYGCTGPGLEGCPTNGPKIPSHHHHHH
;
A
2 'polypeptide(L)'
;DIVMTQSPLSLPVTPGEPASISCRSSQNIVHNNGITYLEWYLQKPGQSPQLLIYKVSDRFSGVPDRFSGSGSGTDFTLKI
SRVEAEDVGVYYCFQGSHIPPTFGQGTKVEIKRAAAAGGGGSGGGGSGGGGSGGGGSQVQLVQSGAEVKKPGASVKVSCK
ASGYTFTSYWMHWVRQAPGQGLEWMGNIWPGSGGTNYAEKFKNRVTMTRDTSISTAYMELSRLRSDDTAVYYCARSGGPY
FFDYWGQGTLVTVSS
;
D
#
# COMPACT_ATOMS: atom_id res chain seq x y z
N LYS A 4 2.71 37.60 11.30
CA LYS A 4 1.89 37.58 10.10
C LYS A 4 1.22 36.21 9.92
N LYS A 5 -0.09 36.18 10.10
CA LYS A 5 -0.83 34.94 9.97
C LYS A 5 -0.71 34.40 8.54
N VAL A 6 -0.47 33.09 8.44
CA VAL A 6 -0.26 32.42 7.16
C VAL A 6 -1.25 31.25 7.08
N CYS A 7 -1.91 31.13 5.92
CA CYS A 7 -2.91 30.10 5.70
C CYS A 7 -2.67 29.44 4.35
N GLN A 8 -3.64 28.63 3.91
CA GLN A 8 -3.51 27.92 2.62
C GLN A 8 -3.76 28.91 1.47
N HIS A 23 -16.73 25.11 4.72
CA HIS A 23 -16.18 25.48 3.39
C HIS A 23 -15.83 26.97 3.37
N PHE A 24 -16.77 27.80 2.87
CA PHE A 24 -16.53 29.27 2.85
C PHE A 24 -16.36 29.76 4.29
N LEU A 25 -17.22 29.29 5.19
CA LEU A 25 -17.13 29.71 6.62
C LEU A 25 -15.77 29.31 7.16
N SER A 26 -15.29 28.11 6.79
CA SER A 26 -13.96 27.64 7.27
C SER A 26 -12.87 28.61 6.83
N LEU A 27 -12.82 28.94 5.53
CA LEU A 27 -11.79 29.89 5.02
C LEU A 27 -12.11 31.29 5.56
N GLN A 28 -13.39 31.61 5.76
CA GLN A 28 -13.78 32.93 6.32
C GLN A 28 -13.14 33.09 7.71
N ARG A 29 -13.14 32.02 8.52
CA ARG A 29 -12.61 32.13 9.89
C ARG A 29 -11.11 31.79 9.91
N MET A 30 -10.57 31.29 8.79
CA MET A 30 -9.11 31.03 8.72
C MET A 30 -8.42 32.22 8.04
N PHE A 31 -9.14 32.95 7.19
CA PHE A 31 -8.57 34.12 6.48
C PHE A 31 -8.90 35.40 7.25
N ASN A 32 -9.59 35.27 8.38
CA ASN A 32 -10.00 36.48 9.14
C ASN A 32 -8.81 37.45 9.23
N ASN A 33 -7.61 36.92 9.44
CA ASN A 33 -6.39 37.78 9.48
C ASN A 33 -5.53 37.45 8.25
N CYS A 34 -4.82 36.32 8.28
CA CYS A 34 -3.99 35.89 7.13
C CYS A 34 -3.32 37.11 6.46
N GLU A 35 -2.48 37.83 7.21
CA GLU A 35 -1.79 38.99 6.65
C GLU A 35 -1.03 38.63 5.38
N VAL A 36 -0.40 37.46 5.35
CA VAL A 36 0.33 36.97 4.18
C VAL A 36 -0.01 35.49 4.02
N VAL A 37 -0.41 35.10 2.81
CA VAL A 37 -0.83 33.73 2.52
C VAL A 37 0.25 33.06 1.69
N LEU A 38 0.86 32.01 2.25
CA LEU A 38 1.83 31.20 1.51
C LEU A 38 1.17 30.36 0.42
N GLY A 39 -0.12 30.10 0.53
CA GLY A 39 -0.80 29.29 -0.47
C GLY A 39 -1.49 30.14 -1.51
N ASN A 40 -2.83 30.17 -1.46
CA ASN A 40 -3.61 30.90 -2.50
C ASN A 40 -4.80 31.61 -1.85
N LEU A 41 -5.14 32.81 -2.31
CA LEU A 41 -6.34 33.51 -1.80
C LEU A 41 -7.58 32.86 -2.44
N GLU A 42 -8.00 31.71 -1.92
CA GLU A 42 -9.12 30.98 -2.52
C GLU A 42 -10.45 31.42 -1.89
N ILE A 43 -10.68 32.74 -1.92
CA ILE A 43 -11.97 33.32 -1.42
C ILE A 43 -13.04 32.89 -2.43
N THR A 44 -13.89 31.93 -2.06
CA THR A 44 -14.88 31.35 -2.94
C THR A 44 -16.25 31.44 -2.32
N TYR A 45 -17.26 31.77 -3.14
CA TYR A 45 -18.66 31.82 -2.64
C TYR A 45 -18.75 32.77 -1.44
N LEU A 52 -18.25 37.24 4.87
CA LEU A 52 -18.72 38.59 4.56
C LEU A 52 -17.74 39.63 5.09
N SER A 53 -16.88 40.13 4.21
CA SER A 53 -15.87 41.13 4.56
C SER A 53 -14.97 40.65 5.70
N PHE A 54 -14.65 39.35 5.70
CA PHE A 54 -13.84 38.79 6.78
C PHE A 54 -12.35 39.10 6.60
N LEU A 55 -11.92 39.52 5.42
CA LEU A 55 -10.52 39.79 5.14
C LEU A 55 -10.33 41.28 4.87
N LYS A 56 -9.34 41.88 5.54
CA LYS A 56 -9.01 43.29 5.32
C LYS A 56 -7.52 43.54 5.15
N THR A 57 -6.64 42.65 5.61
CA THR A 57 -5.22 42.95 5.72
C THR A 57 -4.36 41.86 5.08
N ILE A 58 -4.84 41.25 3.99
CA ILE A 58 -4.05 40.26 3.28
C ILE A 58 -3.04 40.98 2.41
N GLN A 59 -1.85 41.25 2.96
CA GLN A 59 -0.90 42.12 2.28
C GLN A 59 -0.37 41.48 1.00
N GLU A 60 0.31 40.34 1.12
CA GLU A 60 0.90 39.65 -0.02
C GLU A 60 0.47 38.20 -0.02
N VAL A 61 0.11 37.69 -1.19
CA VAL A 61 -0.27 36.28 -1.36
C VAL A 61 0.78 35.62 -2.23
N ALA A 62 1.41 34.57 -1.71
CA ALA A 62 2.42 33.82 -2.44
C ALA A 62 1.75 32.67 -3.20
N GLY A 63 1.02 33.04 -4.25
CA GLY A 63 0.28 32.04 -5.05
C GLY A 63 -0.69 32.77 -5.96
N TYR A 64 -1.78 32.13 -6.40
CA TYR A 64 -2.82 32.85 -7.20
C TYR A 64 -4.02 33.12 -6.29
N VAL A 65 -4.98 33.92 -6.76
CA VAL A 65 -6.17 34.30 -5.94
C VAL A 65 -7.42 33.75 -6.65
N LEU A 66 -7.96 32.63 -6.16
CA LEU A 66 -9.20 32.05 -6.73
C LEU A 66 -10.38 32.82 -6.12
N ILE A 67 -10.60 34.06 -6.56
CA ILE A 67 -11.68 34.92 -5.99
C ILE A 67 -12.97 34.68 -6.78
N ALA A 68 -14.00 34.13 -6.14
CA ALA A 68 -15.30 33.82 -6.79
C ALA A 68 -16.42 34.46 -5.97
N LEU A 69 -16.34 35.77 -5.71
CA LEU A 69 -17.35 36.48 -4.88
C LEU A 69 -17.87 35.53 -3.79
N GLU A 73 -21.31 41.03 -3.53
CA GLU A 73 -20.92 42.25 -4.26
C GLU A 73 -19.94 43.08 -3.41
N ARG A 74 -20.17 43.13 -2.10
CA ARG A 74 -19.31 43.95 -1.20
C ARG A 74 -18.23 43.07 -0.56
N ILE A 75 -17.03 43.01 -1.16
CA ILE A 75 -15.88 42.26 -0.59
C ILE A 75 -14.66 43.19 -0.70
N PRO A 76 -14.14 43.78 0.39
CA PRO A 76 -13.06 44.74 0.27
C PRO A 76 -11.86 44.28 -0.54
N LEU A 77 -11.16 43.23 -0.11
CA LEU A 77 -9.92 42.77 -0.78
C LEU A 77 -8.99 43.99 -0.94
N GLU A 78 -9.09 44.99 -0.05
CA GLU A 78 -8.35 46.26 -0.18
C GLU A 78 -6.84 46.09 -0.07
N ASN A 79 -6.33 45.27 0.85
CA ASN A 79 -4.90 45.18 1.08
C ASN A 79 -4.20 44.13 0.24
N LEU A 80 -4.92 43.42 -0.62
CA LEU A 80 -4.29 42.42 -1.49
C LEU A 80 -3.39 43.14 -2.48
N GLN A 81 -2.08 43.06 -2.26
CA GLN A 81 -1.10 43.78 -3.07
C GLN A 81 -0.47 42.91 -4.15
N ILE A 82 0.12 41.80 -3.72
CA ILE A 82 0.90 40.96 -4.66
C ILE A 82 0.26 39.59 -4.83
N ILE A 83 0.25 39.06 -6.07
CA ILE A 83 -0.28 37.70 -6.40
C ILE A 83 0.89 37.00 -7.12
N ARG A 84 1.61 36.09 -6.47
CA ARG A 84 2.86 35.53 -6.97
C ARG A 84 2.67 34.41 -7.96
N GLY A 85 1.48 33.84 -8.07
CA GLY A 85 1.23 32.81 -9.07
C GLY A 85 2.05 31.55 -8.90
N ASN A 86 2.32 31.14 -7.66
CA ASN A 86 3.01 29.87 -7.45
C ASN A 86 2.15 28.69 -7.86
N MET A 87 0.84 28.92 -7.93
CA MET A 87 -0.11 27.88 -8.38
C MET A 87 -1.10 28.57 -9.33
N TYR A 88 -1.88 27.80 -10.09
CA TYR A 88 -2.87 28.39 -11.04
C TYR A 88 -4.08 27.51 -11.08
N TYR A 89 -5.24 28.09 -11.44
CA TYR A 89 -6.47 27.33 -11.60
C TYR A 89 -6.34 26.32 -12.74
N GLU A 90 -6.14 26.82 -13.97
CA GLU A 90 -5.91 25.96 -15.11
C GLU A 90 -4.53 26.17 -15.72
N ASN A 91 -4.21 27.39 -16.15
CA ASN A 91 -2.91 27.70 -16.71
C ASN A 91 -2.74 29.22 -16.70
N SER A 92 -1.72 29.72 -15.99
CA SER A 92 -1.48 31.18 -15.84
C SER A 92 -2.80 31.86 -15.48
N TYR A 93 -3.52 31.32 -14.49
CA TYR A 93 -4.79 31.92 -13.99
C TYR A 93 -4.45 32.56 -12.64
N ALA A 94 -3.89 33.77 -12.63
CA ALA A 94 -3.46 34.45 -11.39
C ALA A 94 -4.67 35.04 -10.66
N LEU A 95 -5.44 35.91 -11.31
CA LEU A 95 -6.66 36.51 -10.70
C LEU A 95 -7.90 35.92 -11.39
N ALA A 96 -8.28 34.68 -11.05
CA ALA A 96 -9.44 33.99 -11.65
C ALA A 96 -10.72 34.50 -11.02
N VAL A 97 -11.68 34.97 -11.83
CA VAL A 97 -13.00 35.47 -11.34
C VAL A 97 -14.12 34.89 -12.22
N LEU A 98 -15.38 35.00 -11.79
CA LEU A 98 -16.52 34.50 -12.55
C LEU A 98 -17.81 35.06 -11.97
N SER A 99 -18.80 35.22 -12.83
CA SER A 99 -20.13 35.69 -12.45
C SER A 99 -20.08 36.96 -11.58
N LEU A 108 -19.38 41.88 -8.55
CA LEU A 108 -18.55 42.37 -7.41
C LEU A 108 -18.20 43.85 -7.63
N LYS A 109 -19.19 44.74 -7.76
CA LYS A 109 -18.91 46.16 -7.98
C LYS A 109 -18.15 46.74 -6.80
N GLU A 110 -18.60 46.40 -5.59
CA GLU A 110 -17.98 46.90 -4.33
C GLU A 110 -16.81 45.96 -3.96
N LEU A 111 -15.89 45.73 -4.92
CA LEU A 111 -14.71 44.85 -4.71
C LEU A 111 -13.46 45.69 -4.98
N PRO A 112 -13.08 46.64 -4.09
CA PRO A 112 -11.94 47.50 -4.32
C PRO A 112 -10.60 46.83 -4.06
N MET A 113 -10.07 46.05 -5.01
CA MET A 113 -8.72 45.53 -4.92
C MET A 113 -7.74 46.60 -5.38
N ARG A 114 -7.79 47.76 -4.74
CA ARG A 114 -6.99 48.90 -5.19
C ARG A 114 -5.49 48.65 -5.07
N ASN A 115 -5.10 47.79 -4.12
CA ASN A 115 -3.69 47.45 -3.97
C ASN A 115 -3.24 46.36 -4.94
N LEU A 116 -4.17 45.67 -5.59
CA LEU A 116 -3.83 44.62 -6.56
C LEU A 116 -3.29 45.30 -7.81
N GLN A 117 -2.05 45.82 -7.73
CA GLN A 117 -1.48 46.61 -8.84
C GLN A 117 -0.21 45.95 -9.41
N GLU A 118 0.09 44.71 -9.01
CA GLU A 118 1.24 43.98 -9.61
C GLU A 118 1.11 42.48 -9.32
N ILE A 119 0.71 41.70 -10.32
CA ILE A 119 0.48 40.23 -10.21
C ILE A 119 1.78 39.62 -10.76
N LEU A 120 2.62 39.09 -9.87
CA LEU A 120 3.96 38.61 -10.26
C LEU A 120 3.92 37.19 -10.83
N HIS A 121 4.65 36.94 -11.93
CA HIS A 121 4.80 35.61 -12.50
C HIS A 121 3.44 34.94 -12.73
N GLY A 122 2.46 35.70 -13.21
CA GLY A 122 1.11 35.17 -13.46
C GLY A 122 0.38 36.01 -14.49
N ALA A 123 -0.73 35.50 -15.05
CA ALA A 123 -1.54 36.24 -16.05
C ALA A 123 -2.95 36.42 -15.49
N VAL A 124 -3.43 37.67 -15.42
CA VAL A 124 -4.78 37.96 -14.84
C VAL A 124 -5.84 37.21 -15.67
N ARG A 125 -6.66 36.38 -15.01
CA ARG A 125 -7.79 35.68 -15.69
C ARG A 125 -9.07 36.39 -15.24
N PHE A 126 -9.23 37.66 -15.62
CA PHE A 126 -10.33 38.48 -15.14
C PHE A 126 -11.48 38.34 -16.13
N SER A 127 -12.21 37.24 -16.01
CA SER A 127 -13.26 36.86 -16.94
C SER A 127 -14.61 36.80 -16.25
N ASN A 128 -15.67 37.06 -17.02
CA ASN A 128 -17.05 36.95 -16.55
C ASN A 128 -17.29 37.87 -15.34
N ASN A 129 -17.20 39.18 -15.62
CA ASN A 129 -17.47 40.19 -14.61
C ASN A 129 -18.70 40.99 -15.00
N PRO A 130 -19.90 40.42 -14.87
CA PRO A 130 -21.11 41.15 -15.29
C PRO A 130 -21.52 42.25 -14.33
N ALA A 131 -21.44 41.98 -13.03
CA ALA A 131 -21.87 42.93 -12.02
C ALA A 131 -20.75 43.83 -11.51
N LEU A 132 -19.50 43.59 -11.91
CA LEU A 132 -18.40 44.42 -11.47
C LEU A 132 -18.44 45.77 -12.17
N CYS A 133 -18.42 46.85 -11.39
CA CYS A 133 -18.51 48.20 -11.89
C CYS A 133 -17.25 48.98 -11.56
N ASN A 134 -16.97 50.00 -12.37
CA ASN A 134 -15.81 50.89 -12.24
C ASN A 134 -14.52 50.15 -12.57
N VAL A 135 -14.62 48.83 -12.79
CA VAL A 135 -13.45 48.06 -13.18
C VAL A 135 -13.25 48.07 -14.70
N GLU A 136 -14.32 48.30 -15.46
CA GLU A 136 -14.19 48.37 -16.92
C GLU A 136 -13.37 49.59 -17.33
N SER A 137 -13.57 50.72 -16.66
CA SER A 137 -12.87 51.94 -17.02
C SER A 137 -11.37 51.80 -16.83
N ILE A 138 -10.95 51.18 -15.74
CA ILE A 138 -9.52 51.01 -15.45
C ILE A 138 -8.98 49.85 -16.27
N GLN A 139 -7.74 50.01 -16.77
CA GLN A 139 -7.08 48.94 -17.49
C GLN A 139 -6.78 47.78 -16.55
N TRP A 140 -6.61 46.60 -17.13
CA TRP A 140 -6.39 45.36 -16.39
C TRP A 140 -5.04 44.74 -16.66
N ARG A 141 -4.15 45.46 -17.35
CA ARG A 141 -2.87 44.90 -17.77
C ARG A 141 -1.69 45.40 -16.96
N ASP A 142 -1.75 46.62 -16.41
CA ASP A 142 -0.66 47.13 -15.60
C ASP A 142 -0.51 46.38 -14.28
N ILE A 143 -1.54 45.64 -13.87
CA ILE A 143 -1.46 44.83 -12.66
C ILE A 143 -0.71 43.54 -12.95
N VAL A 144 -0.23 43.40 -14.19
CA VAL A 144 0.51 42.23 -14.64
C VAL A 144 1.78 42.70 -15.32
N SER A 145 2.81 41.85 -15.28
CA SER A 145 4.11 42.15 -15.87
C SER A 145 4.51 41.02 -16.80
N SER A 146 4.67 41.34 -18.09
CA SER A 146 5.22 40.42 -19.09
C SER A 146 4.42 39.12 -19.21
N ASP A 147 3.11 39.20 -19.02
CA ASP A 147 2.24 38.04 -19.18
C ASP A 147 0.95 38.44 -19.89
N PHE A 148 1.05 39.40 -20.82
CA PHE A 148 -0.12 39.85 -21.56
C PHE A 148 -0.56 38.88 -22.63
N LEU A 149 0.27 37.91 -23.00
CA LEU A 149 -0.15 36.90 -23.98
C LEU A 149 -1.29 36.05 -23.43
N SER A 150 -1.22 35.69 -22.15
CA SER A 150 -2.27 34.94 -21.48
C SER A 150 -3.24 35.86 -20.73
N ASN A 151 -3.43 37.07 -21.23
CA ASN A 151 -4.32 38.05 -20.61
C ASN A 151 -5.58 38.19 -21.48
N MET A 152 -6.55 37.31 -21.25
CA MET A 152 -7.88 37.49 -21.82
C MET A 152 -8.81 38.00 -20.75
N SER A 153 -9.76 38.86 -21.16
CA SER A 153 -10.64 39.49 -20.20
C SER A 153 -11.95 39.88 -20.89
N MET A 154 -13.07 39.45 -20.31
CA MET A 154 -14.38 39.82 -20.83
C MET A 154 -15.41 39.64 -19.71
N ASP A 155 -16.54 40.31 -19.88
CA ASP A 155 -17.61 40.26 -18.88
C ASP A 155 -18.50 39.05 -19.11
N GLY A 173 -6.13 59.30 -14.21
CA GLY A 173 -6.75 58.96 -15.47
C GLY A 173 -8.04 58.18 -15.32
N SER A 174 -7.94 56.98 -14.76
CA SER A 174 -9.09 56.11 -14.55
C SER A 174 -9.05 55.56 -13.13
N CYS A 175 -10.20 55.62 -12.45
CA CYS A 175 -10.28 55.11 -11.09
C CYS A 175 -10.26 53.59 -11.08
N TRP A 176 -9.78 53.01 -9.98
CA TRP A 176 -9.56 51.57 -9.91
C TRP A 176 -10.80 50.82 -9.42
N GLY A 177 -11.26 51.12 -8.22
CA GLY A 177 -12.34 50.36 -7.62
C GLY A 177 -13.56 51.18 -7.27
N ALA A 178 -14.49 50.59 -6.54
CA ALA A 178 -15.72 51.28 -6.16
C ALA A 178 -15.40 52.51 -5.32
N GLY A 179 -16.08 53.60 -5.63
CA GLY A 179 -15.82 54.86 -4.95
C GLY A 179 -14.67 55.64 -5.58
N GLU A 180 -14.88 56.93 -5.79
CA GLU A 180 -13.87 57.77 -6.42
C GLU A 180 -12.67 58.05 -5.52
N GLU A 181 -12.76 57.70 -4.23
CA GLU A 181 -11.67 57.97 -3.30
C GLU A 181 -10.43 57.14 -3.61
N ASN A 182 -10.57 56.04 -4.34
CA ASN A 182 -9.46 55.16 -4.66
C ASN A 182 -8.97 55.42 -6.09
N CYS A 183 -7.69 55.16 -6.31
CA CYS A 183 -7.06 55.37 -7.61
C CYS A 183 -6.15 54.20 -7.93
N GLN A 184 -5.75 54.11 -9.20
CA GLN A 184 -4.95 52.97 -9.64
C GLN A 184 -3.50 53.11 -9.19
N LYS A 185 -3.03 54.34 -8.99
CA LYS A 185 -1.68 54.62 -8.46
C LYS A 185 -0.60 54.01 -9.37
N LEU A 186 -0.51 54.54 -10.58
CA LEU A 186 0.50 54.08 -11.53
C LEU A 186 1.90 54.34 -11.00
N THR A 187 2.79 53.37 -11.18
CA THR A 187 4.18 53.49 -10.73
C THR A 187 5.21 53.08 -11.79
N LYS A 188 4.83 52.33 -12.81
CA LYS A 188 5.76 51.86 -13.83
C LYS A 188 5.66 52.67 -15.13
N ILE A 189 4.44 52.87 -15.63
CA ILE A 189 4.25 53.61 -16.88
C ILE A 189 4.10 55.10 -16.60
N GLN A 211 13.36 45.63 -5.28
CA GLN A 211 12.57 46.06 -6.43
C GLN A 211 11.08 45.97 -6.10
N CYS A 212 10.44 47.13 -5.92
CA CYS A 212 9.00 47.17 -5.53
C CYS A 212 8.13 46.87 -6.75
N ALA A 213 7.01 46.16 -6.57
CA ALA A 213 6.09 45.79 -7.67
C ALA A 213 4.72 46.42 -7.45
N ALA A 214 4.03 46.05 -6.37
CA ALA A 214 2.67 46.56 -6.06
C ALA A 214 2.76 47.99 -5.52
N GLY A 215 2.94 48.97 -6.39
CA GLY A 215 3.05 50.39 -5.99
C GLY A 215 4.48 50.88 -6.11
N ASP A 223 14.38 50.02 -0.01
CA ASP A 223 13.58 49.38 1.02
C ASP A 223 12.11 49.32 0.59
N CYS A 224 11.82 48.43 -0.36
CA CYS A 224 10.47 48.26 -0.86
C CYS A 224 9.56 47.66 0.21
N LEU A 225 8.29 48.07 0.19
CA LEU A 225 7.32 47.48 1.09
C LEU A 225 7.12 46.00 0.82
N VAL A 226 7.06 45.64 -0.48
CA VAL A 226 6.94 44.22 -0.91
C VAL A 226 8.05 44.00 -1.94
N CYS A 227 8.85 42.93 -1.80
CA CYS A 227 10.00 42.69 -2.66
C CYS A 227 9.63 41.79 -3.84
N ARG A 228 10.57 41.70 -4.78
CA ARG A 228 10.41 40.84 -5.95
C ARG A 228 10.31 39.38 -5.56
N LYS A 229 11.30 38.89 -4.80
CA LYS A 229 11.32 37.51 -4.34
C LYS A 229 11.28 37.38 -2.83
N PHE A 230 12.21 38.02 -2.11
CA PHE A 230 12.35 37.80 -0.67
C PHE A 230 12.58 39.14 0.03
N ARG A 231 11.83 39.37 1.10
CA ARG A 231 11.96 40.58 1.92
C ARG A 231 12.16 40.12 3.35
N ASP A 232 13.41 40.11 3.81
CA ASP A 232 13.72 39.58 5.13
C ASP A 232 13.04 40.38 6.25
N GLU A 233 13.42 41.66 6.40
CA GLU A 233 12.80 42.54 7.42
C GLU A 233 12.28 43.79 6.70
N ALA A 234 13.15 44.48 5.95
CA ALA A 234 12.74 45.70 5.22
C ALA A 234 13.33 45.73 3.81
N THR A 235 14.53 45.16 3.63
CA THR A 235 15.18 45.22 2.34
C THR A 235 14.57 44.19 1.38
N CYS A 236 14.81 44.39 0.09
CA CYS A 236 14.31 43.51 -0.95
C CYS A 236 15.48 42.73 -1.54
N LYS A 237 15.34 41.40 -1.60
CA LYS A 237 16.37 40.53 -2.12
C LYS A 237 15.75 39.47 -3.01
N ASP A 238 16.50 39.07 -4.04
CA ASP A 238 16.05 37.98 -4.91
C ASP A 238 16.23 36.63 -4.24
N THR A 239 17.22 36.49 -3.36
CA THR A 239 17.46 35.24 -2.65
C THR A 239 17.86 35.56 -1.22
N CYS A 240 17.29 34.81 -0.28
CA CYS A 240 17.67 34.94 1.11
C CYS A 240 19.09 34.44 1.32
N PRO A 241 19.78 34.93 2.35
CA PRO A 241 21.10 34.40 2.67
C PRO A 241 21.03 32.91 2.96
N PRO A 242 21.84 32.11 2.26
CA PRO A 242 21.70 30.65 2.36
C PRO A 242 22.00 30.14 3.76
N LEU A 243 21.34 29.03 4.12
CA LEU A 243 21.56 28.39 5.41
C LEU A 243 22.98 27.85 5.55
N MET A 244 23.70 27.69 4.45
CA MET A 244 25.07 27.17 4.47
C MET A 244 25.91 27.99 3.50
N LEU A 245 27.15 28.28 3.89
CA LEU A 245 28.00 29.20 3.17
C LEU A 245 29.40 28.63 3.01
N TYR A 246 29.94 28.78 1.80
CA TYR A 246 31.31 28.28 1.51
C TYR A 246 32.31 29.04 2.37
N ASN A 247 33.27 28.33 2.94
CA ASN A 247 34.30 28.94 3.78
C ASN A 247 35.67 28.74 3.16
N PRO A 248 36.29 29.78 2.58
CA PRO A 248 37.63 29.61 2.02
C PRO A 248 38.69 29.32 3.06
N THR A 249 38.44 29.65 4.34
CA THR A 249 39.43 29.39 5.37
C THR A 249 39.65 27.90 5.57
N THR A 250 38.59 27.11 5.54
CA THR A 250 38.67 25.66 5.70
C THR A 250 38.78 24.94 4.36
N TYR A 251 38.87 25.68 3.25
CA TYR A 251 38.98 25.09 1.91
C TYR A 251 37.81 24.16 1.60
N GLN A 252 36.65 24.44 2.20
CA GLN A 252 35.49 23.58 2.03
C GLN A 252 34.23 24.45 2.05
N MET A 253 33.16 23.90 1.49
CA MET A 253 31.85 24.55 1.52
C MET A 253 31.22 24.23 2.87
N ASP A 254 31.15 25.22 3.74
CA ASP A 254 30.75 25.04 5.13
C ASP A 254 29.31 25.52 5.35
N VAL A 255 28.91 25.58 6.62
CA VAL A 255 27.61 26.11 7.00
C VAL A 255 27.71 27.62 7.15
N ASN A 256 26.57 28.31 7.17
CA ASN A 256 26.54 29.76 7.28
C ASN A 256 26.23 30.16 8.71
N PRO A 257 27.14 30.87 9.40
CA PRO A 257 26.78 31.39 10.74
C PRO A 257 25.58 32.32 10.70
N GLU A 258 25.42 33.08 9.61
CA GLU A 258 24.26 33.94 9.41
C GLU A 258 23.18 33.27 8.57
N GLY A 259 23.16 31.93 8.56
CA GLY A 259 22.20 31.17 7.78
C GLY A 259 20.77 31.54 8.06
N LYS A 260 19.99 31.81 7.01
CA LYS A 260 18.58 32.24 7.15
C LYS A 260 17.68 31.39 6.26
N TYR A 261 16.67 30.73 6.84
CA TYR A 261 15.71 29.89 6.07
C TYR A 261 14.75 30.80 5.32
N SER A 262 14.50 30.54 4.05
CA SER A 262 13.68 31.40 3.20
C SER A 262 12.21 31.02 3.36
N PHE A 263 11.59 31.49 4.45
CA PHE A 263 10.17 31.14 4.76
C PHE A 263 9.23 32.15 4.09
N GLY A 264 8.53 31.75 3.02
CA GLY A 264 7.65 32.61 2.26
C GLY A 264 8.40 33.66 1.46
N ALA A 265 8.34 34.90 1.92
CA ALA A 265 9.11 35.98 1.32
C ALA A 265 10.04 36.65 2.33
N THR A 266 10.25 36.03 3.49
CA THR A 266 11.08 36.60 4.58
C THR A 266 12.11 35.61 5.05
N CYS A 267 13.38 36.03 5.08
CA CYS A 267 14.49 35.18 5.60
C CYS A 267 14.33 35.09 7.12
N VAL A 268 14.54 33.90 7.71
CA VAL A 268 14.37 33.68 9.17
C VAL A 268 15.63 32.99 9.70
N LYS A 269 16.37 33.64 10.62
CA LYS A 269 17.60 33.05 11.20
C LYS A 269 17.29 31.59 11.55
N LYS A 270 16.17 31.34 12.22
CA LYS A 270 15.72 29.97 12.57
C LYS A 270 14.33 29.79 11.96
N CYS A 271 14.03 28.62 11.37
CA CYS A 271 12.72 28.36 10.71
C CYS A 271 11.60 28.43 11.76
N PRO A 272 10.69 29.44 11.72
CA PRO A 272 9.66 29.58 12.74
C PRO A 272 8.33 28.91 12.42
N ARG A 273 7.32 29.10 13.28
CA ARG A 273 5.99 28.51 13.09
C ARG A 273 6.07 26.99 13.01
N ASN A 274 6.92 26.39 13.83
CA ASN A 274 7.10 24.94 13.94
C ASN A 274 7.19 24.26 12.57
N TYR A 275 7.73 24.98 11.58
CA TYR A 275 7.87 24.41 10.20
C TYR A 275 9.19 23.64 10.12
N VAL A 276 9.39 22.86 9.06
CA VAL A 276 10.62 22.02 8.90
C VAL A 276 11.59 22.74 7.95
N VAL A 277 12.78 22.17 7.75
CA VAL A 277 13.80 22.76 6.81
C VAL A 277 13.74 21.95 5.50
N THR A 278 13.02 22.44 4.49
CA THR A 278 12.83 21.74 3.21
C THR A 278 14.13 21.69 2.43
N ASP A 279 14.24 20.82 1.43
CA ASP A 279 15.44 20.71 0.59
C ASP A 279 15.79 22.04 -0.05
N HIS A 280 14.79 22.75 -0.57
CA HIS A 280 15.03 24.06 -1.16
C HIS A 280 15.43 25.09 -0.11
N GLY A 281 15.01 24.89 1.14
CA GLY A 281 15.25 25.86 2.22
C GLY A 281 13.94 26.59 2.51
N SER A 282 12.90 26.31 1.71
CA SER A 282 11.57 26.97 1.86
C SER A 282 10.74 26.20 2.90
N CYS A 283 10.70 26.66 4.15
CA CYS A 283 9.97 25.98 5.24
C CYS A 283 8.58 25.50 4.77
N VAL A 284 8.23 24.24 5.04
CA VAL A 284 6.90 23.65 4.66
C VAL A 284 6.43 22.77 5.83
N ARG A 285 5.11 22.61 6.04
CA ARG A 285 4.61 21.83 7.19
C ARG A 285 4.29 20.39 6.76
N ALA A 286 4.57 20.02 5.50
CA ALA A 286 4.32 18.65 5.06
C ALA A 286 5.37 18.31 4.00
N CYS A 287 6.42 17.61 4.40
CA CYS A 287 7.47 17.16 3.50
C CYS A 287 7.50 15.64 3.42
N GLY A 288 6.32 15.03 3.47
CA GLY A 288 6.19 13.58 3.42
C GLY A 288 6.10 12.99 2.03
N ALA A 289 6.26 13.80 0.99
CA ALA A 289 6.18 13.32 -0.39
C ALA A 289 7.60 13.21 -0.96
N ASP A 290 7.99 11.99 -1.33
CA ASP A 290 9.30 11.71 -1.91
C ASP A 290 10.45 12.16 -1.00
N SER A 291 10.22 12.12 0.31
CA SER A 291 11.21 12.55 1.30
C SER A 291 10.76 12.01 2.65
N TYR A 292 11.47 12.41 3.71
CA TYR A 292 11.13 12.01 5.06
C TYR A 292 11.64 13.05 6.04
N GLU A 293 11.12 12.99 7.26
CA GLU A 293 11.40 13.99 8.28
C GLU A 293 12.51 13.50 9.20
N MET A 294 13.52 14.35 9.47
CA MET A 294 14.71 13.95 10.26
C MET A 294 15.11 15.10 11.19
N GLU A 295 15.35 14.81 12.47
CA GLU A 295 15.77 15.84 13.45
C GLU A 295 17.29 15.71 13.71
N GLU A 296 18.11 16.52 13.02
CA GLU A 296 19.58 16.50 13.20
C GLU A 296 19.95 17.59 14.23
N ASP A 297 19.15 18.65 14.31
CA ASP A 297 19.39 19.77 15.26
C ASP A 297 18.11 20.03 16.05
N GLY A 298 17.97 21.21 16.66
CA GLY A 298 16.78 21.58 17.39
C GLY A 298 15.56 21.84 16.54
N VAL A 299 15.71 21.85 15.21
CA VAL A 299 14.61 22.09 14.29
C VAL A 299 14.44 20.87 13.40
N ARG A 300 13.18 20.42 13.28
CA ARG A 300 12.87 19.28 12.40
C ARG A 300 13.31 19.64 10.97
N LYS A 301 13.97 18.70 10.30
CA LYS A 301 14.49 18.95 8.93
C LYS A 301 14.06 17.82 7.98
N CYS A 302 13.55 18.14 6.80
CA CYS A 302 13.06 17.18 5.82
C CYS A 302 14.21 16.74 4.93
N LYS A 303 14.51 15.44 4.95
CA LYS A 303 15.55 14.86 4.12
C LYS A 303 14.96 13.89 3.11
N LYS A 304 15.79 13.51 2.14
CA LYS A 304 15.35 12.64 1.05
C LYS A 304 15.00 11.25 1.58
N CYS A 305 14.01 10.64 0.95
CA CYS A 305 13.54 9.31 1.30
C CYS A 305 14.55 8.30 0.76
N GLU A 306 15.47 7.86 1.62
CA GLU A 306 16.50 6.90 1.21
C GLU A 306 15.83 5.57 0.86
N GLY A 307 15.77 5.27 -0.43
CA GLY A 307 14.95 4.18 -0.92
C GLY A 307 13.52 4.39 -0.48
N PRO A 308 12.92 3.37 0.10
CA PRO A 308 11.66 3.59 0.83
C PRO A 308 11.92 3.98 2.27
N CYS A 309 11.36 5.10 2.72
CA CYS A 309 11.54 5.54 4.09
C CYS A 309 10.46 4.96 5.00
N ARG A 310 10.56 5.27 6.29
CA ARG A 310 9.76 4.59 7.30
C ARG A 310 8.27 4.82 7.07
N LYS A 311 7.49 3.75 7.19
CA LYS A 311 6.04 3.82 7.08
C LYS A 311 5.45 2.70 7.93
N VAL A 312 5.04 3.04 9.15
CA VAL A 312 4.41 2.04 10.01
C VAL A 312 3.12 1.56 9.36
N CYS A 313 2.96 0.24 9.29
CA CYS A 313 1.88 -0.34 8.52
C CYS A 313 1.32 -1.54 9.28
N ASN A 314 0.00 -1.67 9.30
CA ASN A 314 -0.62 -2.76 10.03
C ASN A 314 -0.37 -4.09 9.35
N GLY A 315 -0.14 -5.15 10.14
CA GLY A 315 0.11 -6.51 9.60
C GLY A 315 -1.12 -7.39 9.71
N ILE A 316 -1.03 -8.67 9.35
CA ILE A 316 -2.21 -9.60 9.36
C ILE A 316 -2.50 -10.03 10.81
N GLY A 317 -3.62 -9.56 11.40
CA GLY A 317 -4.00 -9.85 12.75
C GLY A 317 -4.02 -8.64 13.67
N ILE A 318 -3.42 -7.53 13.26
CA ILE A 318 -3.40 -6.30 14.04
C ILE A 318 -3.86 -5.15 13.16
N GLY A 319 -4.88 -4.43 13.62
CA GLY A 319 -5.39 -3.29 12.87
C GLY A 319 -6.63 -3.63 12.06
N GLU A 320 -6.74 -3.03 10.87
CA GLU A 320 -7.86 -3.34 9.99
C GLU A 320 -7.83 -4.78 9.51
N PHE A 321 -6.66 -5.43 9.54
CA PHE A 321 -6.53 -6.84 9.21
C PHE A 321 -6.54 -7.72 10.45
N LYS A 322 -7.28 -7.33 11.48
CA LYS A 322 -7.28 -8.08 12.74
C LYS A 322 -7.78 -9.50 12.52
N ASP A 323 -8.80 -9.65 11.68
CA ASP A 323 -9.40 -11.00 11.45
C ASP A 323 -9.03 -11.50 10.04
N SER A 324 -8.12 -10.82 9.35
CA SER A 324 -7.64 -11.32 8.04
C SER A 324 -6.78 -12.56 8.27
N LEU A 325 -6.75 -13.50 7.32
CA LEU A 325 -6.01 -14.77 7.52
C LEU A 325 -4.72 -14.77 6.67
N SER A 326 -4.61 -13.83 5.72
CA SER A 326 -3.44 -13.82 4.81
C SER A 326 -3.37 -12.52 4.02
N ILE A 327 -2.39 -12.36 3.14
CA ILE A 327 -2.31 -11.15 2.27
C ILE A 327 -2.98 -11.51 0.94
N ASN A 328 -4.32 -11.48 0.88
CA ASN A 328 -5.07 -11.84 -0.36
C ASN A 328 -5.03 -10.67 -1.34
N ALA A 329 -5.98 -10.65 -2.30
CA ALA A 329 -6.03 -9.56 -3.30
C ALA A 329 -6.87 -8.40 -2.74
N THR A 330 -7.23 -8.48 -1.46
CA THR A 330 -8.02 -7.41 -0.82
C THR A 330 -7.10 -6.58 0.06
N ASN A 331 -6.38 -7.23 0.97
CA ASN A 331 -5.42 -6.52 1.85
C ASN A 331 -4.15 -6.17 1.06
N ILE A 332 -4.03 -6.68 -0.17
CA ILE A 332 -2.85 -6.29 -1.02
C ILE A 332 -3.05 -4.82 -1.40
N LYS A 333 -2.01 -4.16 -1.91
CA LYS A 333 -2.09 -2.70 -2.23
C LYS A 333 -2.10 -1.93 -0.89
N HIS A 334 -2.95 -2.35 0.04
CA HIS A 334 -2.93 -1.72 1.39
C HIS A 334 -1.50 -1.88 1.92
N PHE A 335 -0.72 -2.79 1.34
CA PHE A 335 0.71 -3.01 1.72
C PHE A 335 1.65 -2.32 0.72
N LYS A 336 1.19 -1.41 -0.16
CA LYS A 336 2.09 -0.68 -1.04
C LYS A 336 2.93 0.30 -0.23
N ASN A 337 4.24 0.25 -0.41
CA ASN A 337 5.20 1.08 0.30
C ASN A 337 5.12 0.90 1.81
N CYS A 338 4.56 -0.22 2.27
CA CYS A 338 4.48 -0.52 3.70
C CYS A 338 5.81 -1.10 4.13
N THR A 339 6.62 -0.29 4.83
CA THR A 339 7.98 -0.69 5.18
C THR A 339 8.02 -1.50 6.47
N SER A 340 7.58 -0.91 7.58
CA SER A 340 7.62 -1.58 8.88
C SER A 340 6.22 -2.10 9.20
N ILE A 341 6.00 -3.39 8.90
CA ILE A 341 4.70 -4.06 9.16
C ILE A 341 4.52 -4.15 10.68
N SER A 342 3.46 -3.56 11.24
CA SER A 342 3.24 -3.50 12.69
C SER A 342 2.65 -4.80 13.24
N GLY A 343 2.33 -5.74 12.35
CA GLY A 343 1.76 -7.03 12.78
C GLY A 343 2.62 -8.18 12.33
N ASP A 344 2.00 -9.21 11.74
CA ASP A 344 2.73 -10.43 11.30
C ASP A 344 2.14 -10.91 9.98
N LEU A 345 2.90 -10.79 8.88
CA LEU A 345 2.41 -11.17 7.53
C LEU A 345 2.02 -12.65 7.53
N HIS A 346 0.98 -13.03 6.77
CA HIS A 346 0.47 -14.44 6.74
C HIS A 346 0.40 -14.94 5.29
N ILE A 347 1.51 -14.90 4.56
CA ILE A 347 1.53 -15.47 3.18
C ILE A 347 0.99 -16.91 3.30
N LEU A 348 -0.14 -17.24 2.68
CA LEU A 348 -0.77 -18.54 2.81
C LEU A 348 -1.18 -19.06 1.44
N PRO A 349 -1.36 -20.38 1.31
CA PRO A 349 -1.87 -20.90 0.03
C PRO A 349 -3.25 -20.38 -0.32
N VAL A 350 -4.05 -20.04 0.69
CA VAL A 350 -5.42 -19.50 0.48
C VAL A 350 -5.32 -18.12 -0.20
N ALA A 351 -4.18 -17.42 -0.06
CA ALA A 351 -4.01 -16.14 -0.72
C ALA A 351 -3.90 -16.31 -2.23
N PHE A 352 -3.03 -17.21 -2.69
CA PHE A 352 -2.85 -17.42 -4.11
C PHE A 352 -4.03 -18.16 -4.72
N ARG A 353 -4.58 -19.14 -4.00
CA ARG A 353 -5.79 -19.79 -4.45
C ARG A 353 -7.00 -18.85 -4.41
N GLY A 354 -6.95 -17.84 -3.54
CA GLY A 354 -8.11 -16.94 -3.38
C GLY A 354 -9.14 -17.58 -2.47
N ASP A 355 -9.96 -16.78 -1.81
CA ASP A 355 -10.96 -17.32 -0.84
C ASP A 355 -12.35 -16.82 -1.22
N SER A 356 -13.31 -17.75 -1.33
CA SER A 356 -14.70 -17.37 -1.69
C SER A 356 -15.41 -16.77 -0.46
N PHE A 357 -15.25 -17.39 0.71
CA PHE A 357 -15.98 -16.93 1.92
C PHE A 357 -15.63 -15.47 2.20
N THR A 358 -14.34 -15.14 2.16
CA THR A 358 -13.91 -13.78 2.51
C THR A 358 -14.02 -12.88 1.28
N HIS A 359 -14.66 -13.34 0.20
CA HIS A 359 -14.93 -12.51 -1.01
C HIS A 359 -13.65 -11.86 -1.52
N THR A 360 -12.61 -12.66 -1.84
CA THR A 360 -11.34 -12.15 -2.39
C THR A 360 -10.96 -13.00 -3.59
N PRO A 361 -10.52 -12.41 -4.73
CA PRO A 361 -10.08 -13.19 -5.88
C PRO A 361 -8.65 -13.68 -5.75
N PRO A 362 -8.19 -14.65 -6.58
CA PRO A 362 -6.84 -15.20 -6.42
C PRO A 362 -5.78 -14.12 -6.55
N LEU A 363 -4.77 -14.22 -5.68
CA LEU A 363 -3.69 -13.20 -5.66
C LEU A 363 -2.74 -13.39 -6.84
N ASP A 364 -2.54 -12.35 -7.64
CA ASP A 364 -1.62 -12.40 -8.76
C ASP A 364 -0.20 -12.49 -8.24
N PRO A 365 0.62 -13.44 -8.73
CA PRO A 365 2.01 -13.51 -8.27
C PRO A 365 2.79 -12.23 -8.49
N GLN A 366 2.48 -11.49 -9.56
CA GLN A 366 3.15 -10.22 -9.79
C GLN A 366 2.79 -9.16 -8.76
N GLU A 367 1.66 -9.34 -8.05
CA GLU A 367 1.30 -8.42 -6.98
C GLU A 367 2.14 -8.63 -5.72
N LEU A 368 2.92 -9.71 -5.65
CA LEU A 368 3.77 -9.95 -4.50
C LEU A 368 4.92 -8.95 -4.42
N ASP A 369 5.26 -8.29 -5.52
CA ASP A 369 6.31 -7.28 -5.51
C ASP A 369 5.95 -6.08 -4.65
N ILE A 370 4.67 -5.94 -4.26
CA ILE A 370 4.29 -4.91 -3.32
C ILE A 370 4.99 -5.13 -1.98
N LEU A 371 5.16 -6.39 -1.60
CA LEU A 371 5.80 -6.75 -0.30
C LEU A 371 7.32 -6.56 -0.39
N LYS A 372 7.89 -6.19 -1.54
CA LYS A 372 9.32 -5.97 -1.64
C LYS A 372 9.78 -4.78 -0.82
N THR A 373 8.84 -3.91 -0.43
CA THR A 373 9.18 -2.73 0.36
C THR A 373 9.44 -3.03 1.83
N VAL A 374 8.91 -4.16 2.32
CA VAL A 374 8.99 -4.52 3.76
C VAL A 374 10.47 -4.59 4.19
N LYS A 375 10.84 -3.93 5.29
CA LYS A 375 12.22 -3.99 5.83
C LYS A 375 12.20 -4.39 7.32
N GLU A 376 11.01 -4.56 7.92
CA GLU A 376 10.91 -4.93 9.32
C GLU A 376 9.54 -5.52 9.57
N ILE A 377 9.50 -6.61 10.33
CA ILE A 377 8.20 -7.22 10.73
C ILE A 377 8.30 -7.41 12.25
N THR A 378 7.61 -6.61 13.04
CA THR A 378 7.54 -6.78 14.49
C THR A 378 6.53 -7.88 14.83
N GLY A 379 6.82 -9.07 14.32
CA GLY A 379 5.97 -10.23 14.51
C GLY A 379 6.66 -11.47 13.97
N PHE A 380 5.92 -12.32 13.24
CA PHE A 380 6.50 -13.53 12.59
C PHE A 380 6.12 -13.47 11.12
N LEU A 381 7.08 -13.70 10.21
CA LEU A 381 6.80 -13.75 8.75
C LEU A 381 6.53 -15.21 8.38
N LEU A 382 5.26 -15.61 8.28
CA LEU A 382 4.88 -17.00 7.92
C LEU A 382 4.69 -17.07 6.41
N ILE A 383 5.46 -17.90 5.71
CA ILE A 383 5.33 -18.09 4.27
C ILE A 383 5.03 -19.56 4.02
N GLN A 384 3.84 -19.84 3.50
CA GLN A 384 3.44 -21.21 3.20
C GLN A 384 3.23 -21.47 1.72
N ALA A 385 3.26 -20.45 0.88
CA ALA A 385 3.07 -20.63 -0.56
C ALA A 385 3.76 -19.50 -1.30
N TRP A 386 4.42 -19.85 -2.40
CA TRP A 386 5.09 -18.91 -3.27
C TRP A 386 4.77 -19.29 -4.71
N PRO A 387 4.78 -18.32 -5.63
CA PRO A 387 4.59 -18.67 -7.04
C PRO A 387 5.64 -19.64 -7.51
N GLU A 388 5.20 -20.66 -8.26
CA GLU A 388 6.12 -21.70 -8.71
C GLU A 388 7.11 -21.18 -9.73
N ASN A 389 6.76 -20.11 -10.46
CA ASN A 389 7.68 -19.50 -11.40
C ASN A 389 8.80 -18.74 -10.69
N ARG A 390 8.71 -18.54 -9.38
CA ARG A 390 9.75 -17.88 -8.61
C ARG A 390 10.55 -18.93 -7.84
N THR A 391 11.86 -18.89 -7.99
CA THR A 391 12.76 -19.85 -7.36
C THR A 391 13.32 -19.37 -6.04
N ASP A 392 12.89 -18.22 -5.56
CA ASP A 392 13.34 -17.70 -4.27
C ASP A 392 12.34 -16.68 -3.77
N LEU A 393 12.59 -16.19 -2.56
CA LEU A 393 11.72 -15.19 -1.92
C LEU A 393 12.16 -13.79 -2.35
N HIS A 394 11.90 -13.49 -3.63
CA HIS A 394 12.27 -12.18 -4.16
C HIS A 394 11.45 -11.06 -3.52
N ALA A 395 10.21 -11.34 -3.12
CA ALA A 395 9.39 -10.31 -2.50
C ALA A 395 9.86 -9.92 -1.10
N PHE A 396 10.81 -10.70 -0.54
CA PHE A 396 11.37 -10.40 0.80
C PHE A 396 12.89 -10.25 0.68
N GLU A 397 13.39 -9.76 -0.46
CA GLU A 397 14.81 -9.49 -0.61
C GLU A 397 15.26 -8.24 0.13
N ASN A 398 14.30 -7.46 0.65
CA ASN A 398 14.62 -6.23 1.45
C ASN A 398 14.20 -6.46 2.90
N LEU A 399 13.58 -7.61 3.21
CA LEU A 399 13.18 -7.95 4.59
C LEU A 399 14.46 -8.26 5.39
N GLU A 400 14.75 -7.49 6.45
CA GLU A 400 15.99 -7.66 7.24
C GLU A 400 15.67 -8.03 8.70
N ILE A 401 14.51 -7.63 9.23
CA ILE A 401 14.16 -7.86 10.66
C ILE A 401 12.87 -8.70 10.76
N ILE A 402 12.82 -9.67 11.68
CA ILE A 402 11.62 -10.49 11.91
C ILE A 402 11.35 -10.53 13.40
N ARG A 403 11.59 -9.40 14.09
CA ARG A 403 11.39 -9.29 15.53
C ARG A 403 10.12 -9.98 15.98
N GLY A 404 10.27 -10.99 16.84
CA GLY A 404 9.16 -11.85 17.19
C GLY A 404 8.30 -11.35 18.32
N ARG A 405 7.68 -10.19 18.15
CA ARG A 405 6.70 -9.72 19.13
C ARG A 405 5.52 -10.68 19.18
N THR A 406 5.05 -11.14 18.02
CA THR A 406 4.08 -12.23 17.91
C THR A 406 4.73 -13.35 17.13
N LYS A 407 4.57 -14.58 17.61
CA LYS A 407 5.27 -15.73 17.05
C LYS A 407 4.30 -16.85 16.72
N GLN A 408 4.52 -17.49 15.57
CA GLN A 408 3.70 -18.62 15.18
C GLN A 408 3.99 -19.80 16.09
N HIS A 409 2.93 -20.40 16.64
CA HIS A 409 3.02 -21.52 17.58
C HIS A 409 3.87 -21.18 18.81
N GLY A 410 4.14 -19.90 19.02
CA GLY A 410 4.90 -19.46 20.17
C GLY A 410 6.38 -19.73 20.11
N GLN A 411 6.90 -20.20 18.98
CA GLN A 411 8.32 -20.55 18.90
C GLN A 411 9.00 -19.97 17.67
N PHE A 412 8.26 -19.77 16.58
CA PHE A 412 8.85 -19.47 15.29
C PHE A 412 8.52 -18.05 14.83
N SER A 413 9.53 -17.39 14.29
CA SER A 413 9.36 -16.08 13.66
C SER A 413 9.43 -16.16 12.15
N LEU A 414 10.44 -16.83 11.59
CA LEU A 414 10.51 -17.10 10.17
C LEU A 414 10.07 -18.53 9.94
N ALA A 415 8.97 -18.71 9.20
CA ALA A 415 8.31 -20.00 9.07
C ALA A 415 8.11 -20.36 7.60
N VAL A 416 9.17 -20.21 6.80
CA VAL A 416 9.14 -20.62 5.41
C VAL A 416 8.92 -22.13 5.35
N VAL A 417 7.73 -22.55 4.93
CA VAL A 417 7.31 -23.95 5.03
C VAL A 417 6.74 -24.40 3.70
N SER A 418 7.26 -25.50 3.17
CA SER A 418 6.70 -26.21 2.02
C SER A 418 6.54 -25.27 0.82
N LEU A 419 7.69 -24.75 0.39
CA LEU A 419 7.79 -23.86 -0.75
C LEU A 419 8.52 -24.55 -1.88
N ASN A 420 8.56 -23.89 -3.03
CA ASN A 420 9.28 -24.43 -4.18
C ASN A 420 10.46 -23.54 -4.54
N ILE A 421 11.17 -23.06 -3.53
CA ILE A 421 12.26 -22.11 -3.72
C ILE A 421 13.55 -22.90 -3.90
N THR A 422 14.25 -22.65 -5.00
CA THR A 422 15.56 -23.26 -5.17
C THR A 422 16.57 -22.66 -4.20
N SER A 423 16.56 -21.34 -4.05
CA SER A 423 17.37 -20.64 -3.07
C SER A 423 16.46 -19.98 -2.04
N LEU A 424 16.98 -19.81 -0.83
CA LEU A 424 16.16 -19.21 0.23
C LEU A 424 15.77 -17.78 -0.12
N GLY A 425 16.72 -17.00 -0.64
CA GLY A 425 16.41 -15.71 -1.23
C GLY A 425 16.38 -14.54 -0.27
N LEU A 426 16.33 -14.77 1.04
CA LEU A 426 16.32 -13.69 2.02
C LEU A 426 17.73 -13.12 2.17
N ARG A 427 18.21 -12.51 1.09
CA ARG A 427 19.59 -12.04 1.04
C ARG A 427 19.86 -10.86 1.96
N SER A 428 18.78 -10.27 2.51
CA SER A 428 18.87 -9.13 3.46
C SER A 428 18.70 -9.64 4.90
N LEU A 429 17.75 -10.55 5.13
CA LEU A 429 17.45 -11.05 6.50
C LEU A 429 18.75 -11.11 7.31
N LYS A 430 18.86 -10.29 8.35
CA LYS A 430 20.09 -10.23 9.18
C LYS A 430 19.77 -10.25 10.68
N GLU A 431 18.50 -10.04 11.08
CA GLU A 431 18.16 -9.94 12.52
C GLU A 431 16.85 -10.66 12.86
N ILE A 432 16.89 -11.94 13.23
CA ILE A 432 15.72 -12.66 13.73
C ILE A 432 15.82 -12.59 15.25
N SER A 433 15.06 -11.68 15.86
CA SER A 433 15.30 -11.30 17.24
C SER A 433 14.81 -12.36 18.22
N ASP A 434 13.50 -12.63 18.23
CA ASP A 434 12.90 -13.41 19.30
C ASP A 434 12.67 -14.88 18.92
N GLY A 435 11.95 -15.13 17.84
CA GLY A 435 11.53 -16.48 17.54
C GLY A 435 12.60 -17.34 16.90
N ASP A 436 12.27 -18.62 16.77
CA ASP A 436 13.12 -19.59 16.08
C ASP A 436 12.80 -19.56 14.59
N VAL A 437 13.41 -20.45 13.83
CA VAL A 437 13.19 -20.56 12.39
C VAL A 437 12.84 -21.99 12.04
N ILE A 438 11.76 -22.18 11.28
CA ILE A 438 11.41 -23.49 10.72
C ILE A 438 11.41 -23.34 9.21
N ILE A 439 12.25 -24.14 8.55
CA ILE A 439 12.33 -24.15 7.09
C ILE A 439 12.20 -25.62 6.68
N SER A 440 10.97 -26.06 6.41
CA SER A 440 10.68 -27.45 6.13
C SER A 440 9.77 -27.55 4.92
N GLY A 441 9.85 -28.69 4.23
CA GLY A 441 9.07 -28.91 3.03
C GLY A 441 9.64 -28.28 1.78
N ASN A 442 10.76 -27.58 1.88
CA ASN A 442 11.42 -26.98 0.72
C ASN A 442 12.20 -28.09 0.01
N LYS A 443 11.48 -28.86 -0.80
CA LYS A 443 12.09 -30.03 -1.44
C LYS A 443 13.23 -29.66 -2.37
N ASN A 444 13.32 -28.41 -2.81
CA ASN A 444 14.35 -27.99 -3.77
C ASN A 444 15.23 -26.88 -3.24
N LEU A 445 15.27 -26.65 -1.92
CA LEU A 445 16.12 -25.64 -1.32
C LEU A 445 17.23 -26.34 -0.53
N CYS A 446 18.48 -26.05 -0.88
CA CYS A 446 19.63 -26.68 -0.24
C CYS A 446 20.42 -25.73 0.65
N TYR A 447 20.53 -24.46 0.27
CA TYR A 447 21.38 -23.52 1.00
C TYR A 447 20.83 -23.14 2.36
N ALA A 448 19.60 -23.54 2.69
CA ALA A 448 19.03 -23.19 3.99
C ALA A 448 19.86 -23.75 5.13
N ASN A 449 20.29 -25.00 5.01
CA ASN A 449 21.14 -25.60 6.04
C ASN A 449 22.55 -25.02 6.04
N THR A 450 22.98 -24.42 4.93
CA THR A 450 24.38 -23.94 4.82
C THR A 450 24.59 -22.73 5.72
N ILE A 451 23.56 -21.92 5.91
CA ILE A 451 23.67 -20.65 6.70
C ILE A 451 24.03 -20.95 8.17
N ASN A 452 24.80 -20.08 8.81
CA ASN A 452 25.07 -20.20 10.27
C ASN A 452 24.03 -19.30 10.94
N TRP A 453 23.03 -19.88 11.61
CA TRP A 453 21.94 -19.07 12.13
C TRP A 453 22.16 -18.59 13.54
N LYS A 454 23.33 -18.84 14.13
CA LYS A 454 23.65 -18.23 15.42
C LYS A 454 23.87 -16.73 15.30
N LYS A 455 24.19 -16.26 14.09
CA LYS A 455 24.42 -14.82 13.86
C LYS A 455 23.06 -14.10 13.75
N LEU A 456 22.08 -14.74 13.11
CA LEU A 456 20.77 -14.12 12.93
C LEU A 456 20.03 -13.99 14.25
N PHE A 457 20.16 -15.00 15.12
CA PHE A 457 19.37 -15.04 16.34
C PHE A 457 19.74 -13.90 17.28
N GLY A 458 18.72 -13.30 17.89
CA GLY A 458 18.93 -12.21 18.82
C GLY A 458 18.90 -12.63 20.27
N THR A 459 18.53 -13.88 20.54
CA THR A 459 18.46 -14.41 21.89
C THR A 459 18.97 -15.85 21.88
N SER A 460 19.29 -16.35 23.07
CA SER A 460 19.85 -17.68 23.22
C SER A 460 18.79 -18.79 23.28
N GLY A 461 17.52 -18.44 23.32
CA GLY A 461 16.47 -19.43 23.41
C GLY A 461 15.92 -19.84 22.05
N GLN A 462 16.67 -19.57 20.99
CA GLN A 462 16.24 -19.82 19.63
C GLN A 462 17.05 -20.94 19.01
N LYS A 463 16.38 -21.78 18.22
CA LYS A 463 17.03 -22.89 17.53
C LYS A 463 16.26 -23.19 16.26
N THR A 464 17.00 -23.32 15.14
CA THR A 464 16.37 -23.56 13.86
C THR A 464 15.77 -24.97 13.78
N LYS A 465 14.90 -25.16 12.80
CA LYS A 465 14.25 -26.44 12.53
C LYS A 465 14.30 -26.75 11.04
N ILE A 466 15.48 -26.56 10.44
CA ILE A 466 15.67 -26.75 9.00
C ILE A 466 15.77 -28.25 8.75
N ILE A 467 14.67 -28.88 8.34
CA ILE A 467 14.63 -30.30 8.01
C ILE A 467 13.74 -30.51 6.80
N SER A 468 13.88 -31.68 6.18
CA SER A 468 13.07 -32.09 5.04
C SER A 468 13.30 -31.19 3.82
N ASN A 469 14.48 -30.59 3.73
CA ASN A 469 14.86 -29.83 2.54
C ASN A 469 15.42 -30.80 1.49
N ARG A 470 16.02 -30.25 0.43
CA ARG A 470 16.74 -31.07 -0.53
C ARG A 470 17.95 -31.71 0.14
N GLY A 471 18.23 -32.96 -0.21
CA GLY A 471 19.34 -33.69 0.37
C GLY A 471 20.67 -32.99 0.22
N GLU A 472 21.42 -32.90 1.32
CA GLU A 472 22.70 -32.19 1.28
C GLU A 472 23.70 -32.89 0.38
N ASN A 473 23.76 -34.23 0.43
CA ASN A 473 24.70 -34.97 -0.38
C ASN A 473 24.37 -34.80 -1.87
N SER A 474 23.09 -34.93 -2.22
CA SER A 474 22.69 -34.73 -3.61
C SER A 474 22.94 -33.29 -4.05
N CYS A 475 22.71 -32.33 -3.15
CA CYS A 475 22.99 -30.93 -3.45
C CYS A 475 24.46 -30.70 -3.75
N LYS A 476 25.34 -31.28 -2.94
CA LYS A 476 26.78 -31.14 -3.19
C LYS A 476 27.18 -31.82 -4.48
N ALA A 477 26.60 -33.00 -4.75
CA ALA A 477 26.96 -33.73 -5.96
C ALA A 477 26.52 -33.01 -7.23
N THR A 478 25.34 -32.39 -7.20
CA THR A 478 24.79 -31.73 -8.37
C THR A 478 25.37 -30.33 -8.59
N GLY A 479 26.24 -29.87 -7.70
CA GLY A 479 26.81 -28.54 -7.84
C GLY A 479 25.92 -27.41 -7.39
N GLN A 480 24.84 -27.72 -6.66
CA GLN A 480 23.96 -26.67 -6.16
C GLN A 480 24.51 -26.09 -4.88
N VAL A 481 25.80 -25.74 -4.88
CA VAL A 481 26.46 -25.11 -3.74
C VAL A 481 26.86 -23.71 -4.18
N CYS A 482 26.72 -22.74 -3.27
CA CYS A 482 26.97 -21.36 -3.63
C CYS A 482 28.46 -21.13 -3.85
N HIS A 483 28.78 -19.90 -4.25
CA HIS A 483 30.11 -19.57 -4.74
C HIS A 483 31.17 -19.87 -3.69
N ALA A 484 32.32 -20.38 -4.15
CA ALA A 484 33.48 -20.47 -3.28
C ALA A 484 33.97 -19.10 -2.85
N LEU A 485 33.53 -18.04 -3.52
CA LEU A 485 33.82 -16.66 -3.13
C LEU A 485 32.84 -16.21 -2.04
N CYS A 486 32.75 -17.01 -0.98
CA CYS A 486 31.86 -16.71 0.13
C CYS A 486 32.41 -17.35 1.38
N SER A 487 32.21 -16.70 2.53
CA SER A 487 32.72 -17.24 3.82
C SER A 487 31.92 -18.50 4.18
N PRO A 488 32.51 -19.49 4.90
CA PRO A 488 31.76 -20.66 5.33
C PRO A 488 30.58 -20.30 6.21
N GLU A 489 30.44 -19.02 6.56
CA GLU A 489 29.33 -18.54 7.44
C GLU A 489 27.98 -18.98 6.85
N GLY A 490 27.89 -19.13 5.53
CA GLY A 490 26.63 -19.63 4.92
C GLY A 490 26.24 -18.82 3.71
N CYS A 491 25.05 -19.09 3.15
CA CYS A 491 24.59 -18.38 1.97
C CYS A 491 23.12 -18.64 1.74
N TRP A 492 22.40 -17.61 1.29
CA TRP A 492 20.99 -17.72 0.98
C TRP A 492 20.72 -18.25 -0.41
N GLY A 493 21.74 -18.38 -1.24
CA GLY A 493 21.55 -18.83 -2.60
C GLY A 493 22.86 -18.94 -3.37
N PRO A 494 22.78 -19.42 -4.61
CA PRO A 494 24.01 -19.67 -5.38
C PRO A 494 24.67 -18.40 -5.88
N GLU A 495 23.88 -17.36 -6.14
CA GLU A 495 24.44 -16.12 -6.66
C GLU A 495 25.29 -15.45 -5.60
N PRO A 496 26.34 -14.72 -6.02
CA PRO A 496 27.18 -14.01 -5.05
C PRO A 496 26.43 -12.94 -4.27
N ARG A 497 25.30 -12.47 -4.77
CA ARG A 497 24.48 -11.53 -4.01
C ARG A 497 23.98 -12.18 -2.72
N ASP A 498 23.54 -13.44 -2.82
CA ASP A 498 22.99 -14.19 -1.66
C ASP A 498 24.12 -14.85 -0.88
N CYS A 499 24.68 -14.17 0.11
CA CYS A 499 25.74 -14.72 0.95
C CYS A 499 25.81 -13.89 2.22
N VAL A 500 25.63 -14.53 3.38
CA VAL A 500 25.63 -13.84 4.69
C VAL A 500 27.01 -13.19 4.89
N SER A 501 28.08 -13.89 4.48
CA SER A 501 29.45 -13.34 4.58
C SER A 501 30.25 -13.85 3.37
N CYS A 502 31.23 -13.08 2.90
CA CYS A 502 31.98 -13.46 1.72
C CYS A 502 33.46 -13.55 2.04
N ARG A 503 34.13 -14.50 1.38
CA ARG A 503 35.52 -14.81 1.69
C ARG A 503 36.41 -13.58 1.52
N ASN A 504 36.33 -12.95 0.37
CA ASN A 504 37.06 -11.71 0.12
C ASN A 504 36.15 -10.53 0.49
N VAL A 505 36.54 -9.32 0.09
CA VAL A 505 35.76 -8.13 0.36
C VAL A 505 34.48 -8.15 -0.46
N SER A 506 33.53 -7.30 -0.12
CA SER A 506 32.20 -7.30 -0.72
C SER A 506 31.91 -5.96 -1.38
N ARG A 507 31.30 -6.02 -2.56
CA ARG A 507 30.93 -4.81 -3.31
C ARG A 507 29.43 -4.58 -3.14
N GLY A 508 29.08 -3.92 -2.04
CA GLY A 508 27.70 -3.61 -1.73
C GLY A 508 26.83 -4.83 -1.59
N ARG A 509 25.88 -4.99 -2.51
CA ARG A 509 25.01 -6.17 -2.47
C ARG A 509 25.79 -7.45 -2.73
N GLU A 510 26.72 -7.41 -3.70
CA GLU A 510 27.47 -8.59 -4.10
C GLU A 510 28.77 -8.67 -3.30
N CYS A 511 29.63 -9.60 -3.69
CA CYS A 511 31.00 -9.66 -3.16
C CYS A 511 31.90 -10.17 -4.29
N VAL A 512 32.64 -9.25 -4.90
CA VAL A 512 33.52 -9.57 -6.02
C VAL A 512 34.76 -10.29 -5.49
N ASP A 513 35.56 -10.83 -6.42
CA ASP A 513 36.79 -11.51 -6.04
C ASP A 513 37.71 -10.61 -5.23
N LYS A 514 37.69 -9.31 -5.51
CA LYS A 514 38.50 -8.35 -4.78
C LYS A 514 38.04 -6.95 -5.15
N CYS A 515 38.30 -5.98 -4.27
CA CYS A 515 37.95 -4.57 -4.59
C CYS A 515 38.74 -4.13 -5.84
N ASN A 516 38.23 -3.14 -6.58
CA ASN A 516 38.97 -2.61 -7.76
C ASN A 516 40.09 -1.70 -7.28
N LEU A 517 41.06 -2.26 -6.56
CA LEU A 517 42.18 -1.44 -6.00
C LEU A 517 43.07 -0.95 -7.15
N LEU A 518 43.46 -1.87 -8.05
CA LEU A 518 44.37 -1.48 -9.16
C LEU A 518 43.71 -1.76 -10.53
N GLU A 519 42.89 -2.80 -10.64
CA GLU A 519 42.23 -3.18 -11.92
C GLU A 519 40.71 -3.12 -11.75
N GLY A 520 39.99 -2.55 -12.72
CA GLY A 520 38.52 -2.44 -12.69
C GLY A 520 38.06 -1.07 -13.12
N GLU A 521 36.79 -0.93 -13.52
CA GLU A 521 36.22 0.39 -13.91
C GLU A 521 35.78 1.16 -12.65
N PRO A 522 35.04 0.56 -11.69
CA PRO A 522 34.58 1.29 -10.51
C PRO A 522 35.77 1.86 -9.76
N ARG A 523 36.90 1.15 -9.78
CA ARG A 523 38.11 1.58 -9.01
C ARG A 523 37.64 2.00 -7.61
N GLU A 524 37.17 1.03 -6.83
CA GLU A 524 36.68 1.30 -5.45
C GLU A 524 37.84 1.07 -4.47
N PHE A 525 37.56 0.98 -3.17
CA PHE A 525 38.58 0.77 -2.14
C PHE A 525 37.97 -0.02 -0.99
N VAL A 526 38.84 -0.64 -0.21
CA VAL A 526 38.41 -1.54 0.87
C VAL A 526 38.10 -0.71 2.11
N GLU A 527 36.93 -0.94 2.69
CA GLU A 527 36.52 -0.32 3.94
C GLU A 527 35.84 -1.38 4.79
N ASN A 528 36.47 -1.72 5.93
CA ASN A 528 36.03 -2.78 6.84
C ASN A 528 35.48 -3.98 6.08
N SER A 529 36.23 -4.47 5.10
CA SER A 529 35.83 -5.60 4.25
C SER A 529 34.55 -5.27 3.49
N GLU A 530 34.60 -4.17 2.74
CA GLU A 530 33.49 -3.75 1.90
C GLU A 530 34.02 -2.82 0.83
N CYS A 531 33.62 -3.07 -0.43
CA CYS A 531 34.04 -2.23 -1.54
C CYS A 531 33.20 -0.96 -1.55
N ILE A 532 33.84 0.18 -1.38
CA ILE A 532 33.19 1.48 -1.45
C ILE A 532 33.75 2.20 -2.67
N GLN A 533 32.88 2.49 -3.64
CA GLN A 533 33.31 3.16 -4.86
C GLN A 533 33.81 4.57 -4.53
N CYS A 534 34.98 4.90 -5.09
CA CYS A 534 35.60 6.22 -4.88
C CYS A 534 34.78 7.31 -5.58
N HIS A 535 34.94 8.56 -5.19
CA HIS A 535 34.15 9.67 -5.72
C HIS A 535 34.37 9.78 -7.22
N PRO A 536 33.30 9.92 -8.02
CA PRO A 536 33.45 9.81 -9.48
C PRO A 536 34.32 10.88 -10.11
N GLU A 537 34.53 12.02 -9.44
CA GLU A 537 35.30 13.11 -10.02
C GLU A 537 36.79 13.02 -9.69
N CYS A 538 37.28 11.83 -9.33
CA CYS A 538 38.71 11.60 -9.15
C CYS A 538 39.17 10.49 -10.09
N LEU A 539 40.21 10.78 -10.86
CA LEU A 539 40.64 9.87 -11.91
C LEU A 539 41.32 8.64 -11.33
N PRO A 540 41.14 7.43 -11.93
CA PRO A 540 41.85 6.25 -11.44
C PRO A 540 43.36 6.38 -11.47
N GLN A 541 44.06 5.73 -10.53
CA GLN A 541 45.55 5.71 -10.53
C GLN A 541 45.98 4.28 -10.87
N ALA A 542 46.81 4.08 -11.91
CA ALA A 542 47.19 2.73 -12.39
C ALA A 542 48.50 2.25 -11.74
N MET A 543 49.16 3.07 -10.91
CA MET A 543 50.38 2.67 -10.23
C MET A 543 50.11 2.16 -8.82
N ASN A 544 49.36 2.93 -8.03
CA ASN A 544 49.01 2.54 -6.66
C ASN A 544 47.50 2.56 -6.49
N ILE A 545 47.04 2.48 -5.24
CA ILE A 545 45.60 2.48 -4.99
C ILE A 545 44.95 3.73 -5.57
N THR A 546 43.73 3.57 -6.09
CA THR A 546 43.00 4.67 -6.78
C THR A 546 42.62 5.75 -5.79
N CYS A 547 42.14 5.39 -4.59
CA CYS A 547 41.76 6.35 -3.58
C CYS A 547 41.83 5.68 -2.21
N THR A 548 42.42 6.37 -1.24
CA THR A 548 42.57 5.79 0.09
C THR A 548 41.23 5.70 0.82
N GLY A 549 40.37 6.72 0.67
CA GLY A 549 39.09 6.72 1.33
C GLY A 549 38.03 7.36 0.46
N ARG A 550 36.78 7.13 0.84
CA ARG A 550 35.65 7.67 0.09
C ARG A 550 35.61 9.19 0.21
N GLY A 551 35.06 9.83 -0.81
CA GLY A 551 34.96 11.27 -0.83
C GLY A 551 36.05 11.90 -1.68
N PRO A 552 35.77 13.08 -2.22
CA PRO A 552 36.77 13.74 -3.10
C PRO A 552 38.07 14.08 -2.40
N ASP A 553 38.05 14.30 -1.09
CA ASP A 553 39.25 14.71 -0.37
C ASP A 553 40.30 13.60 -0.39
N ASN A 554 39.89 12.36 -0.14
CA ASN A 554 40.82 11.26 0.03
C ASN A 554 41.28 10.65 -1.28
N CYS A 555 40.69 11.02 -2.41
CA CYS A 555 41.16 10.52 -3.70
C CYS A 555 42.57 11.03 -3.97
N ILE A 556 43.46 10.12 -4.34
CA ILE A 556 44.86 10.48 -4.54
C ILE A 556 45.16 10.98 -5.94
N GLN A 557 44.31 10.67 -6.92
CA GLN A 557 44.47 11.12 -8.30
C GLN A 557 43.22 11.85 -8.73
N CYS A 558 43.40 13.05 -9.30
CA CYS A 558 42.28 13.89 -9.72
C CYS A 558 42.65 14.58 -11.02
N ALA A 559 42.20 14.02 -12.14
CA ALA A 559 42.37 14.69 -13.43
C ALA A 559 41.51 15.95 -13.52
N HIS A 560 40.32 15.93 -12.91
CA HIS A 560 39.48 17.11 -12.84
C HIS A 560 40.10 18.13 -11.90
N TYR A 561 39.53 19.33 -11.89
CA TYR A 561 40.08 20.41 -11.09
C TYR A 561 39.96 20.10 -9.59
N ILE A 562 40.83 20.73 -8.81
CA ILE A 562 40.90 20.53 -7.38
C ILE A 562 40.79 21.87 -6.68
N ASP A 563 40.04 21.89 -5.57
CA ASP A 563 39.89 23.13 -4.76
C ASP A 563 40.81 23.01 -3.54
N GLY A 564 41.88 23.80 -3.51
CA GLY A 564 42.86 23.72 -2.45
C GLY A 564 43.52 22.35 -2.40
N PRO A 565 43.54 21.74 -1.22
CA PRO A 565 44.05 20.37 -1.09
C PRO A 565 43.00 19.29 -1.34
N HIS A 566 41.76 19.67 -1.63
CA HIS A 566 40.68 18.73 -1.88
C HIS A 566 40.28 18.78 -3.34
N CYS A 567 39.60 17.72 -3.78
CA CYS A 567 39.07 17.63 -5.13
C CYS A 567 37.64 18.16 -5.16
N VAL A 568 37.24 18.69 -6.32
CA VAL A 568 35.93 19.27 -6.51
C VAL A 568 35.55 19.13 -7.98
N LYS A 569 34.28 19.37 -8.29
CA LYS A 569 33.82 19.33 -9.68
C LYS A 569 34.47 20.44 -10.50
N THR A 570 34.23 21.69 -10.12
CA THR A 570 34.78 22.85 -10.80
C THR A 570 35.11 23.92 -9.77
N CYS A 571 35.91 24.89 -10.19
CA CYS A 571 36.30 25.97 -9.30
C CYS A 571 35.07 26.78 -8.89
N PRO A 572 34.95 27.16 -7.62
CA PRO A 572 33.80 27.98 -7.20
C PRO A 572 33.90 29.39 -7.76
N ALA A 573 32.92 29.77 -8.57
CA ALA A 573 32.87 31.11 -9.15
C ALA A 573 31.63 31.88 -8.70
N GLY A 574 30.44 31.31 -8.86
CA GLY A 574 29.23 31.95 -8.40
C GLY A 574 28.84 31.53 -7.01
N VAL A 575 29.69 31.84 -6.03
CA VAL A 575 29.44 31.45 -4.64
C VAL A 575 29.19 32.69 -3.80
N MET A 576 28.87 32.50 -2.53
CA MET A 576 28.55 33.59 -1.62
C MET A 576 29.65 33.74 -0.56
N GLY A 577 29.92 34.98 -0.20
CA GLY A 577 30.94 35.28 0.79
C GLY A 577 30.41 36.01 2.01
N GLU A 578 31.14 37.03 2.46
CA GLU A 578 30.71 37.79 3.62
C GLU A 578 29.38 38.49 3.37
N ASN A 579 29.22 39.07 2.18
CA ASN A 579 27.97 39.69 1.75
C ASN A 579 27.52 39.10 0.43
N ASN A 580 27.54 37.76 0.35
CA ASN A 580 27.22 37.03 -0.87
C ASN A 580 28.15 37.45 -2.02
N THR A 581 29.42 37.64 -1.70
CA THR A 581 30.41 38.02 -2.70
C THR A 581 30.83 36.82 -3.52
N LEU A 582 31.01 37.03 -4.82
CA LEU A 582 31.44 35.98 -5.74
C LEU A 582 32.93 35.73 -5.51
N VAL A 583 33.23 34.63 -4.79
CA VAL A 583 34.66 34.29 -4.49
C VAL A 583 35.32 33.75 -5.77
N TRP A 584 36.20 34.53 -6.38
CA TRP A 584 36.93 34.07 -7.58
C TRP A 584 37.80 32.87 -7.22
N LYS A 585 38.25 32.81 -5.96
CA LYS A 585 39.13 31.70 -5.51
C LYS A 585 40.42 31.73 -6.35
N TYR A 586 40.71 30.65 -7.09
CA TYR A 586 41.90 30.61 -7.97
C TYR A 586 41.45 30.40 -9.41
N ALA A 587 42.39 30.26 -10.34
CA ALA A 587 42.02 30.00 -11.72
C ALA A 587 41.53 28.56 -11.90
N ASP B 1 -31.11 -12.16 6.14
CA ASP B 1 -30.42 -12.78 5.03
C ASP B 1 -30.93 -12.27 3.68
N ILE B 2 -30.66 -13.01 2.62
CA ILE B 2 -31.08 -12.67 1.28
C ILE B 2 -32.02 -13.76 0.80
N VAL B 3 -33.25 -13.39 0.44
CA VAL B 3 -34.26 -14.36 0.01
C VAL B 3 -33.93 -14.76 -1.43
N MET B 4 -33.38 -15.97 -1.60
CA MET B 4 -32.98 -16.49 -2.93
C MET B 4 -34.15 -17.27 -3.53
N THR B 5 -35.25 -16.59 -3.87
CA THR B 5 -36.43 -17.24 -4.41
C THR B 5 -36.14 -17.83 -5.80
N GLN B 6 -36.63 -19.05 -6.04
CA GLN B 6 -36.43 -19.75 -7.34
C GLN B 6 -37.77 -19.77 -8.08
N SER B 7 -37.78 -19.34 -9.35
CA SER B 7 -39.00 -19.31 -10.14
C SER B 7 -39.68 -20.67 -10.23
N PRO B 8 -38.97 -21.78 -10.55
CA PRO B 8 -39.57 -23.10 -10.53
C PRO B 8 -39.30 -23.78 -9.20
N LEU B 9 -40.18 -24.70 -8.79
CA LEU B 9 -40.00 -25.47 -7.53
C LEU B 9 -40.36 -26.94 -7.83
N SER B 10 -39.48 -27.88 -7.48
CA SER B 10 -39.71 -29.32 -7.78
C SER B 10 -40.14 -29.46 -9.24
N LEU B 11 -39.44 -28.79 -10.15
CA LEU B 11 -39.80 -28.81 -11.60
C LEU B 11 -39.42 -30.17 -12.21
N PRO B 12 -40.36 -30.95 -12.77
CA PRO B 12 -40.00 -32.20 -13.46
C PRO B 12 -39.64 -31.97 -14.92
N VAL B 13 -38.56 -32.57 -15.38
CA VAL B 13 -38.09 -32.40 -16.75
C VAL B 13 -37.89 -33.77 -17.39
N THR B 14 -38.47 -33.96 -18.57
CA THR B 14 -38.22 -35.18 -19.33
C THR B 14 -36.81 -35.16 -19.90
N PRO B 15 -36.18 -36.32 -20.06
CA PRO B 15 -34.80 -36.35 -20.57
C PRO B 15 -34.69 -35.76 -21.97
N GLY B 16 -33.54 -35.17 -22.24
CA GLY B 16 -33.29 -34.54 -23.52
C GLY B 16 -34.12 -33.31 -23.80
N GLU B 17 -34.28 -32.43 -22.81
CA GLU B 17 -35.03 -31.20 -22.97
C GLU B 17 -34.27 -30.05 -22.32
N PRO B 18 -34.44 -28.83 -22.83
CA PRO B 18 -33.73 -27.67 -22.24
C PRO B 18 -34.36 -27.15 -20.95
N ALA B 19 -34.00 -27.80 -19.85
CA ALA B 19 -34.47 -27.38 -18.53
C ALA B 19 -33.90 -26.03 -18.16
N SER B 20 -34.72 -25.21 -17.50
CA SER B 20 -34.31 -23.88 -17.08
C SER B 20 -34.88 -23.58 -15.70
N ILE B 21 -34.01 -23.32 -14.74
CA ILE B 21 -34.40 -22.95 -13.39
C ILE B 21 -33.90 -21.54 -13.14
N SER B 22 -34.83 -20.63 -12.83
CA SER B 22 -34.52 -19.23 -12.60
C SER B 22 -34.65 -18.92 -11.12
N CYS B 23 -33.62 -18.29 -10.55
CA CYS B 23 -33.59 -17.94 -9.13
C CYS B 23 -33.36 -16.45 -9.00
N ARG B 24 -34.14 -15.79 -8.13
CA ARG B 24 -33.99 -14.33 -7.94
C ARG B 24 -33.62 -14.03 -6.47
N SER B 25 -32.80 -13.01 -6.25
CA SER B 25 -32.34 -12.68 -4.88
C SER B 25 -33.10 -11.45 -4.34
N SER B 26 -33.37 -11.40 -3.03
CA SER B 26 -34.03 -10.21 -2.45
C SER B 26 -33.14 -8.98 -2.68
N GLN B 27 -31.82 -9.15 -2.55
CA GLN B 27 -30.88 -8.01 -2.74
C GLN B 27 -29.95 -8.30 -3.93
N ASN B 28 -29.36 -7.26 -4.51
CA ASN B 28 -28.48 -7.42 -5.70
C ASN B 28 -27.26 -8.26 -5.32
N ILE B 29 -27.07 -9.40 -6.00
CA ILE B 29 -25.87 -10.24 -5.75
C ILE B 29 -24.73 -9.61 -6.55
N VAL B 30 -24.14 -8.57 -5.95
CA VAL B 30 -22.97 -7.90 -6.52
C VAL B 30 -22.09 -7.46 -5.35
N HIS B 31 -20.86 -7.94 -5.34
CA HIS B 31 -19.92 -7.63 -4.26
C HIS B 31 -19.04 -6.44 -4.65
N ASN B 32 -18.34 -5.91 -3.65
CA ASN B 32 -17.48 -4.75 -3.86
C ASN B 32 -16.39 -5.06 -4.89
N ASN B 33 -15.81 -6.26 -4.84
CA ASN B 33 -14.78 -6.63 -5.80
C ASN B 33 -15.33 -6.84 -7.20
N GLY B 34 -16.65 -6.87 -7.37
CA GLY B 34 -17.26 -6.89 -8.68
C GLY B 34 -17.60 -8.27 -9.22
N ILE B 35 -17.23 -9.32 -8.49
CA ILE B 35 -17.55 -10.72 -8.92
C ILE B 35 -18.86 -11.18 -8.24
N THR B 36 -19.83 -11.67 -9.01
CA THR B 36 -21.13 -12.14 -8.47
C THR B 36 -20.96 -13.57 -7.99
N TYR B 37 -21.11 -13.81 -6.68
CA TYR B 37 -20.90 -15.16 -6.10
C TYR B 37 -22.19 -15.94 -6.14
N LEU B 38 -22.57 -16.45 -7.32
CA LEU B 38 -23.79 -17.27 -7.48
C LEU B 38 -23.36 -18.68 -7.92
N GLU B 39 -23.83 -19.72 -7.22
CA GLU B 39 -23.40 -21.11 -7.54
C GLU B 39 -24.63 -22.02 -7.57
N TRP B 40 -24.57 -23.12 -8.33
CA TRP B 40 -25.70 -24.07 -8.40
C TRP B 40 -25.18 -25.43 -7.97
N TYR B 41 -25.62 -25.88 -6.79
CA TYR B 41 -25.10 -27.14 -6.21
C TYR B 41 -26.02 -28.32 -6.47
N LEU B 42 -25.51 -29.32 -7.19
CA LEU B 42 -26.25 -30.55 -7.41
C LEU B 42 -26.20 -31.42 -6.16
N GLN B 43 -27.36 -31.73 -5.60
CA GLN B 43 -27.46 -32.66 -4.48
C GLN B 43 -28.31 -33.84 -4.95
N LYS B 44 -27.63 -34.94 -5.28
CA LYS B 44 -28.33 -36.14 -5.67
C LYS B 44 -29.13 -36.69 -4.49
N PRO B 45 -30.25 -37.37 -4.73
CA PRO B 45 -31.04 -37.94 -3.63
C PRO B 45 -30.19 -38.83 -2.74
N GLY B 46 -30.13 -38.48 -1.45
CA GLY B 46 -29.29 -39.20 -0.53
C GLY B 46 -27.81 -39.08 -0.83
N GLN B 47 -27.36 -37.87 -1.15
CA GLN B 47 -25.95 -37.65 -1.50
C GLN B 47 -25.53 -36.25 -1.07
N SER B 48 -24.23 -36.08 -0.92
CA SER B 48 -23.69 -34.78 -0.57
C SER B 48 -23.78 -33.83 -1.76
N PRO B 49 -24.21 -32.58 -1.54
CA PRO B 49 -24.27 -31.63 -2.65
C PRO B 49 -22.91 -31.41 -3.29
N GLN B 50 -22.91 -31.27 -4.61
CA GLN B 50 -21.69 -31.03 -5.37
C GLN B 50 -21.91 -29.82 -6.27
N LEU B 51 -20.85 -29.03 -6.50
CA LEU B 51 -20.99 -27.77 -7.28
C LEU B 51 -21.10 -28.07 -8.79
N LEU B 52 -21.86 -27.24 -9.52
CA LEU B 52 -21.99 -27.40 -10.99
C LEU B 52 -21.49 -26.11 -11.66
N ILE B 53 -22.19 -25.00 -11.46
CA ILE B 53 -21.79 -23.69 -12.05
C ILE B 53 -21.09 -22.91 -10.94
N TYR B 54 -19.75 -22.93 -10.87
CA TYR B 54 -19.02 -22.29 -9.75
C TYR B 54 -19.21 -20.77 -9.79
N LYS B 55 -19.75 -20.23 -10.88
CA LYS B 55 -20.07 -18.78 -10.96
C LYS B 55 -21.47 -18.63 -11.56
N VAL B 56 -21.92 -17.39 -11.80
CA VAL B 56 -23.24 -17.16 -12.45
C VAL B 56 -23.24 -17.87 -13.81
N SER B 57 -22.08 -17.90 -14.50
CA SER B 57 -22.01 -18.48 -15.86
C SER B 57 -20.65 -19.16 -16.12
N ASP B 58 -20.07 -19.82 -15.12
CA ASP B 58 -18.79 -20.57 -15.28
C ASP B 58 -19.11 -22.07 -15.26
N ARG B 59 -18.17 -22.96 -14.96
CA ARG B 59 -18.47 -24.40 -14.84
C ARG B 59 -17.41 -25.09 -13.97
N PHE B 60 -17.84 -26.05 -13.14
CA PHE B 60 -16.90 -26.74 -12.22
C PHE B 60 -16.17 -27.85 -12.96
N SER B 61 -14.88 -28.01 -12.67
CA SER B 61 -14.10 -29.07 -13.28
C SER B 61 -14.72 -30.43 -12.95
N GLY B 62 -14.85 -31.27 -13.96
CA GLY B 62 -15.52 -32.54 -13.81
C GLY B 62 -17.00 -32.51 -14.10
N VAL B 63 -17.61 -31.32 -14.18
CA VAL B 63 -19.00 -31.18 -14.55
C VAL B 63 -19.07 -30.98 -16.06
N PRO B 64 -19.87 -31.78 -16.82
CA PRO B 64 -19.92 -31.67 -18.27
C PRO B 64 -20.46 -30.32 -18.75
N ASP B 65 -20.21 -29.99 -20.01
CA ASP B 65 -20.63 -28.68 -20.58
C ASP B 65 -22.17 -28.61 -20.67
N ARG B 66 -22.85 -29.74 -20.49
CA ARG B 66 -24.33 -29.77 -20.63
C ARG B 66 -24.96 -28.76 -19.65
N PHE B 67 -24.28 -28.49 -18.53
CA PHE B 67 -24.80 -27.51 -17.53
C PHE B 67 -24.37 -26.10 -17.94
N SER B 68 -25.26 -25.12 -17.76
CA SER B 68 -24.99 -23.74 -18.10
C SER B 68 -25.69 -22.84 -17.07
N GLY B 69 -25.31 -21.56 -17.07
CA GLY B 69 -25.90 -20.58 -16.15
C GLY B 69 -25.80 -19.19 -16.75
N SER B 70 -26.75 -18.31 -16.46
CA SER B 70 -26.75 -16.93 -16.99
C SER B 70 -27.65 -16.06 -16.12
N GLY B 71 -27.33 -14.80 -15.88
CA GLY B 71 -28.10 -13.88 -15.05
C GLY B 71 -27.30 -12.64 -14.73
N SER B 72 -28.02 -11.60 -14.29
CA SER B 72 -27.36 -10.34 -13.88
C SER B 72 -28.22 -9.64 -12.82
N GLY B 73 -27.61 -8.77 -12.00
CA GLY B 73 -28.38 -8.04 -10.98
C GLY B 73 -28.97 -8.98 -9.95
N THR B 74 -30.31 -9.11 -9.93
CA THR B 74 -30.98 -9.97 -8.94
C THR B 74 -31.55 -11.19 -9.62
N ASP B 75 -31.72 -11.13 -10.95
CA ASP B 75 -32.36 -12.26 -11.67
C ASP B 75 -31.29 -13.18 -12.27
N PHE B 76 -31.29 -14.45 -11.88
CA PHE B 76 -30.32 -15.43 -12.41
C PHE B 76 -31.09 -16.62 -12.94
N THR B 77 -30.44 -17.48 -13.71
CA THR B 77 -31.05 -18.71 -14.20
C THR B 77 -29.96 -19.72 -14.53
N LEU B 78 -30.37 -20.99 -14.59
CA LEU B 78 -29.50 -22.09 -14.96
C LEU B 78 -30.10 -22.81 -16.16
N LYS B 79 -29.26 -23.12 -17.15
CA LYS B 79 -29.70 -23.75 -18.38
C LYS B 79 -29.08 -25.14 -18.48
N ILE B 80 -29.92 -26.14 -18.77
CA ILE B 80 -29.47 -27.51 -18.98
C ILE B 80 -30.03 -27.93 -20.34
N SER B 81 -29.23 -27.75 -21.40
CA SER B 81 -29.72 -28.02 -22.75
C SER B 81 -30.07 -29.50 -22.92
N ARG B 82 -29.23 -30.40 -22.43
CA ARG B 82 -29.49 -31.83 -22.46
C ARG B 82 -29.53 -32.35 -21.03
N VAL B 83 -30.58 -33.09 -20.71
CA VAL B 83 -30.80 -33.60 -19.36
C VAL B 83 -30.86 -35.12 -19.41
N GLU B 84 -30.09 -35.77 -18.54
CA GLU B 84 -30.05 -37.22 -18.43
C GLU B 84 -30.44 -37.62 -17.00
N ALA B 85 -30.30 -38.92 -16.70
CA ALA B 85 -30.63 -39.41 -15.35
C ALA B 85 -29.72 -38.75 -14.31
N GLU B 86 -28.49 -38.40 -14.70
CA GLU B 86 -27.53 -37.78 -13.77
C GLU B 86 -28.03 -36.40 -13.30
N ASP B 87 -28.66 -35.64 -14.20
CA ASP B 87 -29.09 -34.26 -13.87
C ASP B 87 -30.23 -34.27 -12.84
N VAL B 88 -30.86 -35.43 -12.62
CA VAL B 88 -31.94 -35.52 -11.59
C VAL B 88 -31.34 -35.14 -10.22
N GLY B 89 -32.13 -34.50 -9.37
CA GLY B 89 -31.64 -34.07 -8.05
C GLY B 89 -32.18 -32.69 -7.68
N VAL B 90 -31.57 -32.04 -6.68
CA VAL B 90 -32.05 -30.73 -6.24
C VAL B 90 -30.97 -29.70 -6.56
N TYR B 91 -31.41 -28.59 -7.16
CA TYR B 91 -30.47 -27.50 -7.51
C TYR B 91 -30.70 -26.36 -6.53
N TYR B 92 -29.63 -25.89 -5.91
CA TYR B 92 -29.72 -24.80 -4.88
C TYR B 92 -29.00 -23.57 -5.38
N CYS B 93 -29.73 -22.55 -5.82
CA CYS B 93 -29.14 -21.27 -6.23
C CYS B 93 -28.48 -20.64 -5.01
N PHE B 94 -27.16 -20.80 -4.93
CA PHE B 94 -26.43 -20.32 -3.73
C PHE B 94 -25.87 -18.92 -3.98
N GLN B 95 -25.80 -18.11 -2.92
CA GLN B 95 -25.24 -16.75 -3.01
C GLN B 95 -24.10 -16.66 -1.98
N GLY B 96 -23.00 -16.00 -2.33
CA GLY B 96 -21.88 -15.85 -1.39
C GLY B 96 -21.52 -14.39 -1.20
N SER B 97 -22.02 -13.52 -2.08
CA SER B 97 -21.65 -12.08 -2.04
C SER B 97 -22.05 -11.47 -0.68
N HIS B 98 -23.18 -11.90 -0.12
CA HIS B 98 -23.67 -11.31 1.16
C HIS B 98 -22.93 -12.00 2.32
N ILE B 99 -22.65 -11.26 3.40
CA ILE B 99 -21.82 -11.85 4.47
C ILE B 99 -22.33 -13.22 4.89
N PRO B 100 -23.60 -13.44 5.22
CA PRO B 100 -24.06 -14.80 5.48
C PRO B 100 -24.52 -15.46 4.19
N PRO B 101 -23.86 -16.53 3.77
CA PRO B 101 -24.33 -17.27 2.59
C PRO B 101 -25.72 -17.84 2.83
N THR B 102 -26.52 -17.86 1.78
CA THR B 102 -27.89 -18.36 1.86
C THR B 102 -28.22 -19.14 0.60
N PHE B 103 -28.73 -20.35 0.79
CA PHE B 103 -29.13 -21.20 -0.37
C PHE B 103 -30.55 -20.87 -0.76
N GLY B 104 -30.97 -21.34 -1.93
CA GLY B 104 -32.34 -21.12 -2.44
C GLY B 104 -33.33 -22.09 -1.82
N GLN B 105 -34.59 -22.04 -2.23
CA GLN B 105 -35.66 -22.91 -1.66
C GLN B 105 -35.33 -24.38 -1.95
N GLY B 106 -34.82 -24.69 -3.14
CA GLY B 106 -34.50 -26.07 -3.55
C GLY B 106 -35.37 -26.53 -4.69
N THR B 107 -34.92 -26.41 -5.93
CA THR B 107 -35.68 -26.82 -7.12
C THR B 107 -35.32 -28.27 -7.42
N LYS B 108 -36.09 -29.20 -6.85
CA LYS B 108 -35.86 -30.62 -7.04
C LYS B 108 -36.25 -31.00 -8.46
N VAL B 109 -35.23 -31.11 -9.33
CA VAL B 109 -35.48 -31.50 -10.74
C VAL B 109 -35.88 -32.98 -10.78
N GLU B 110 -37.02 -33.30 -11.39
CA GLU B 110 -37.49 -34.66 -11.50
C GLU B 110 -37.81 -35.00 -12.95
N ILE B 111 -38.47 -36.13 -13.17
CA ILE B 111 -38.84 -36.57 -14.52
C ILE B 111 -40.36 -36.61 -14.60
N LYS B 112 -40.91 -35.97 -15.63
CA LYS B 112 -42.35 -35.96 -15.84
C LYS B 112 -42.75 -36.92 -16.96
N GLN B 138 -6.40 -37.33 -4.45
CA GLN B 138 -7.79 -36.93 -4.27
C GLN B 138 -8.04 -36.42 -2.86
N VAL B 139 -9.12 -35.67 -2.69
CA VAL B 139 -9.49 -35.09 -1.41
C VAL B 139 -10.89 -35.56 -1.04
N GLN B 140 -11.03 -36.12 0.16
CA GLN B 140 -12.33 -36.54 0.66
C GLN B 140 -12.41 -36.23 2.15
N LEU B 141 -13.56 -35.73 2.58
CA LEU B 141 -13.83 -35.38 3.97
C LEU B 141 -14.85 -36.37 4.50
N VAL B 142 -14.42 -37.26 5.39
CA VAL B 142 -15.28 -38.30 5.93
C VAL B 142 -15.86 -37.80 7.26
N GLN B 143 -17.19 -37.83 7.35
CA GLN B 143 -17.89 -37.34 8.54
C GLN B 143 -18.04 -38.47 9.56
N SER B 144 -18.85 -38.24 10.58
CA SER B 144 -19.13 -39.22 11.60
C SER B 144 -20.36 -40.04 11.20
N GLY B 145 -20.92 -40.80 12.15
CA GLY B 145 -22.14 -41.53 11.92
C GLY B 145 -23.36 -40.77 12.42
N ALA B 146 -24.51 -41.10 11.84
CA ALA B 146 -25.75 -40.47 12.26
C ALA B 146 -26.09 -40.84 13.69
N GLU B 147 -26.61 -39.86 14.44
CA GLU B 147 -26.96 -40.06 15.84
C GLU B 147 -28.32 -39.44 16.12
N VAL B 148 -29.01 -40.00 17.11
CA VAL B 148 -30.30 -39.49 17.57
C VAL B 148 -30.15 -39.08 19.02
N LYS B 149 -30.43 -37.82 19.31
CA LYS B 149 -30.26 -37.26 20.65
C LYS B 149 -31.61 -36.77 21.18
N LYS B 150 -31.58 -36.12 22.33
CA LYS B 150 -32.75 -35.57 22.99
C LYS B 150 -32.67 -34.05 23.04
N PRO B 151 -33.81 -33.36 23.06
CA PRO B 151 -33.77 -31.89 23.10
C PRO B 151 -33.05 -31.39 24.34
N GLY B 152 -32.28 -30.32 24.17
CA GLY B 152 -31.50 -29.74 25.23
C GLY B 152 -30.12 -30.35 25.42
N ALA B 153 -29.79 -31.41 24.68
CA ALA B 153 -28.50 -32.05 24.81
C ALA B 153 -27.51 -31.41 23.83
N SER B 154 -26.31 -31.98 23.72
CA SER B 154 -25.28 -31.47 22.84
C SER B 154 -24.75 -32.61 21.97
N VAL B 155 -24.60 -32.34 20.67
CA VAL B 155 -24.16 -33.39 19.69
C VAL B 155 -22.87 -32.91 19.02
N LYS B 156 -21.73 -33.56 19.29
CA LYS B 156 -20.47 -33.23 18.60
C LYS B 156 -20.52 -33.93 17.25
N VAL B 157 -20.25 -33.20 16.16
CA VAL B 157 -20.30 -33.77 14.78
C VAL B 157 -18.88 -33.69 14.21
N SER B 158 -18.23 -34.83 13.97
CA SER B 158 -16.85 -34.83 13.52
C SER B 158 -16.79 -34.82 11.99
N CYS B 159 -15.65 -34.35 11.47
CA CYS B 159 -15.42 -34.35 10.03
C CYS B 159 -13.92 -34.52 9.80
N LYS B 160 -13.50 -35.76 9.56
CA LYS B 160 -12.12 -36.04 9.25
C LYS B 160 -11.78 -35.53 7.86
N ALA B 161 -10.62 -34.89 7.73
CA ALA B 161 -10.15 -34.33 6.47
C ALA B 161 -8.82 -34.95 6.11
N SER B 162 -8.72 -35.47 4.89
CA SER B 162 -7.50 -36.07 4.41
C SER B 162 -7.39 -35.84 2.91
N GLY B 163 -6.15 -35.82 2.41
CA GLY B 163 -5.88 -35.60 1.01
C GLY B 163 -5.42 -34.19 0.66
N TYR B 164 -5.46 -33.27 1.60
CA TYR B 164 -5.07 -31.89 1.34
C TYR B 164 -4.49 -31.30 2.63
N THR B 165 -3.79 -30.18 2.48
CA THR B 165 -3.23 -29.47 3.63
C THR B 165 -4.38 -28.94 4.49
N PHE B 166 -4.61 -29.58 5.64
CA PHE B 166 -5.80 -29.28 6.43
C PHE B 166 -5.83 -27.84 6.89
N THR B 167 -4.68 -27.30 7.30
CA THR B 167 -4.63 -25.92 7.77
C THR B 167 -4.42 -24.95 6.61
N SER B 168 -5.24 -25.09 5.58
CA SER B 168 -5.14 -24.20 4.39
C SER B 168 -6.52 -23.97 3.75
N TYR B 169 -7.60 -24.50 4.35
CA TYR B 169 -8.92 -24.37 3.76
C TYR B 169 -9.93 -24.13 4.87
N TRP B 170 -10.87 -23.21 4.62
CA TRP B 170 -11.98 -22.98 5.56
C TRP B 170 -12.80 -24.27 5.66
N MET B 171 -13.15 -24.69 6.87
CA MET B 171 -13.93 -25.89 7.10
C MET B 171 -15.36 -25.43 7.38
N HIS B 172 -16.14 -25.26 6.32
CA HIS B 172 -17.49 -24.76 6.47
C HIS B 172 -18.40 -25.85 7.04
N TRP B 173 -19.47 -25.44 7.72
CA TRP B 173 -20.40 -26.39 8.36
C TRP B 173 -21.82 -26.06 7.94
N VAL B 174 -22.22 -26.52 6.75
CA VAL B 174 -23.55 -26.30 6.22
C VAL B 174 -24.50 -27.31 6.85
N ARG B 175 -25.79 -26.95 6.90
CA ARG B 175 -26.82 -27.84 7.40
C ARG B 175 -28.01 -27.82 6.46
N GLN B 176 -28.75 -28.92 6.45
CA GLN B 176 -29.92 -29.07 5.59
C GLN B 176 -31.08 -29.58 6.44
N ALA B 177 -31.92 -28.66 6.90
CA ALA B 177 -33.11 -29.05 7.64
C ALA B 177 -34.08 -29.78 6.70
N PRO B 178 -34.57 -30.96 7.09
CA PRO B 178 -35.53 -31.66 6.22
C PRO B 178 -36.76 -30.82 5.95
N GLY B 179 -37.25 -30.89 4.72
CA GLY B 179 -38.35 -30.04 4.31
C GLY B 179 -37.98 -28.59 4.15
N GLN B 180 -36.71 -28.28 3.97
CA GLN B 180 -36.25 -26.91 3.85
C GLN B 180 -34.93 -26.89 3.09
N GLY B 181 -34.59 -25.70 2.59
CA GLY B 181 -33.34 -25.53 1.83
C GLY B 181 -32.16 -25.52 2.76
N LEU B 182 -30.95 -25.65 2.22
CA LEU B 182 -29.72 -25.68 2.98
C LEU B 182 -29.54 -24.37 3.75
N GLU B 183 -29.17 -24.48 5.03
CA GLU B 183 -28.97 -23.33 5.90
C GLU B 183 -27.53 -23.32 6.37
N TRP B 184 -26.82 -22.24 6.08
CA TRP B 184 -25.46 -22.08 6.58
C TRP B 184 -25.47 -21.96 8.10
N MET B 185 -24.44 -22.51 8.76
CA MET B 185 -24.33 -22.49 10.25
C MET B 185 -22.97 -21.94 10.71
N GLY B 186 -21.92 -21.99 9.90
CA GLY B 186 -20.65 -21.38 10.22
C GLY B 186 -19.51 -22.12 9.57
N ASN B 187 -18.30 -21.67 9.86
CA ASN B 187 -17.10 -22.30 9.35
C ASN B 187 -16.03 -22.24 10.43
N ILE B 188 -14.84 -22.71 10.09
CA ILE B 188 -13.71 -22.67 11.00
C ILE B 188 -12.44 -22.81 10.17
N TRP B 189 -11.44 -22.00 10.50
CA TRP B 189 -10.16 -22.08 9.82
C TRP B 189 -9.19 -22.90 10.67
N PRO B 190 -8.81 -24.10 10.24
CA PRO B 190 -7.96 -24.94 11.09
C PRO B 190 -6.60 -24.33 11.40
N GLY B 191 -6.11 -23.39 10.58
CA GLY B 191 -4.83 -22.79 10.85
C GLY B 191 -4.79 -22.02 12.15
N SER B 192 -5.84 -21.24 12.42
CA SER B 192 -5.91 -20.44 13.62
C SER B 192 -7.12 -20.71 14.49
N GLY B 193 -8.06 -21.53 14.03
CA GLY B 193 -9.25 -21.81 14.81
C GLY B 193 -10.32 -20.76 14.76
N GLY B 194 -10.19 -19.75 13.90
CA GLY B 194 -11.19 -18.71 13.82
C GLY B 194 -12.50 -19.24 13.24
N THR B 195 -13.60 -18.99 13.93
CA THR B 195 -14.91 -19.47 13.53
C THR B 195 -15.86 -18.29 13.32
N ASN B 196 -16.80 -18.46 12.39
CA ASN B 196 -17.81 -17.44 12.08
C ASN B 196 -19.17 -18.12 12.10
N TYR B 197 -19.78 -18.24 13.27
CA TYR B 197 -21.10 -18.85 13.37
C TYR B 197 -22.16 -17.95 12.72
N ALA B 198 -23.20 -18.59 12.19
CA ALA B 198 -24.32 -17.85 11.63
C ALA B 198 -25.12 -17.19 12.76
N GLU B 199 -25.93 -16.19 12.39
CA GLU B 199 -26.68 -15.45 13.38
C GLU B 199 -27.67 -16.34 14.12
N LYS B 200 -28.34 -17.25 13.41
CA LYS B 200 -29.26 -18.17 14.05
C LYS B 200 -28.54 -19.15 14.98
N PHE B 201 -27.25 -19.36 14.78
CA PHE B 201 -26.48 -20.31 15.58
C PHE B 201 -25.32 -19.63 16.32
N LYS B 202 -25.43 -18.32 16.54
CA LYS B 202 -24.30 -17.58 17.11
C LYS B 202 -23.99 -18.02 18.54
N ASN B 203 -25.03 -18.25 19.35
CA ASN B 203 -24.86 -18.55 20.76
C ASN B 203 -25.33 -19.96 21.11
N ARG B 204 -25.24 -20.89 20.15
CA ARG B 204 -25.78 -22.23 20.35
C ARG B 204 -24.77 -23.31 19.97
N VAL B 205 -23.86 -22.99 19.05
CA VAL B 205 -22.98 -23.99 18.46
C VAL B 205 -21.53 -23.64 18.77
N THR B 206 -20.64 -24.63 18.66
CA THR B 206 -19.20 -24.46 18.90
C THR B 206 -18.46 -25.26 17.87
N MET B 207 -17.68 -24.61 17.00
CA MET B 207 -16.91 -25.31 15.94
C MET B 207 -15.44 -25.36 16.36
N THR B 208 -14.92 -26.55 16.67
CA THR B 208 -13.52 -26.74 17.09
C THR B 208 -12.85 -27.63 16.07
N ARG B 209 -11.58 -28.00 16.29
CA ARG B 209 -10.85 -28.89 15.35
C ARG B 209 -9.62 -29.49 16.04
N ASP B 210 -9.12 -30.62 15.54
CA ASP B 210 -7.87 -31.22 16.10
C ASP B 210 -6.84 -31.26 14.97
N THR B 211 -5.96 -30.25 14.90
CA THR B 211 -5.00 -30.17 13.78
C THR B 211 -4.10 -31.38 13.77
N SER B 212 -3.49 -31.73 14.92
CA SER B 212 -2.51 -32.80 14.90
C SER B 212 -3.01 -34.02 14.12
N ILE B 213 -4.28 -34.38 14.30
CA ILE B 213 -4.85 -35.57 13.67
C ILE B 213 -5.89 -35.22 12.61
N SER B 214 -6.01 -33.93 12.28
CA SER B 214 -6.67 -33.47 11.04
C SER B 214 -8.16 -33.82 10.99
N THR B 215 -8.91 -33.39 12.00
CA THR B 215 -10.35 -33.33 11.91
C THR B 215 -10.84 -32.03 12.54
N ALA B 216 -11.99 -31.56 12.07
CA ALA B 216 -12.66 -30.40 12.63
C ALA B 216 -14.03 -30.84 13.15
N TYR B 217 -14.30 -30.60 14.43
CA TYR B 217 -15.58 -31.05 15.05
C TYR B 217 -16.60 -29.92 15.05
N MET B 218 -17.84 -30.22 15.46
CA MET B 218 -18.93 -29.20 15.51
C MET B 218 -19.84 -29.54 16.70
N GLU B 219 -19.51 -29.06 17.90
CA GLU B 219 -20.31 -29.31 19.12
C GLU B 219 -21.51 -28.37 19.15
N LEU B 220 -22.68 -28.84 18.71
CA LEU B 220 -23.91 -28.02 18.73
C LEU B 220 -24.64 -28.27 20.06
N SER B 221 -24.57 -27.32 21.00
CA SER B 221 -25.21 -27.46 22.29
C SER B 221 -26.67 -27.02 22.21
N ARG B 222 -27.43 -27.35 23.26
CA ARG B 222 -28.83 -26.96 23.40
C ARG B 222 -29.64 -27.38 22.17
N LEU B 223 -29.70 -28.69 21.95
CA LEU B 223 -30.45 -29.23 20.82
C LEU B 223 -31.94 -28.98 21.01
N ARG B 224 -32.63 -28.73 19.90
CA ARG B 224 -34.05 -28.44 19.90
C ARG B 224 -34.76 -29.36 18.91
N SER B 225 -36.09 -29.29 18.94
CA SER B 225 -36.90 -30.17 18.08
C SER B 225 -36.64 -29.90 16.61
N ASP B 226 -36.52 -28.62 16.23
CA ASP B 226 -36.33 -28.25 14.84
C ASP B 226 -34.86 -28.17 14.44
N ASP B 227 -33.94 -28.58 15.32
CA ASP B 227 -32.52 -28.57 14.99
C ASP B 227 -32.08 -29.82 14.25
N THR B 228 -33.00 -30.75 13.96
CA THR B 228 -32.65 -31.92 13.18
C THR B 228 -32.28 -31.51 11.75
N ALA B 229 -31.15 -32.00 11.26
CA ALA B 229 -30.63 -31.62 9.96
C ALA B 229 -29.49 -32.56 9.59
N VAL B 230 -28.92 -32.34 8.41
CA VAL B 230 -27.77 -33.09 7.93
C VAL B 230 -26.62 -32.10 7.83
N TYR B 231 -25.73 -32.15 8.83
CA TYR B 231 -24.62 -31.17 8.96
C TYR B 231 -23.46 -31.51 8.04
N TYR B 232 -23.54 -31.12 6.77
CA TYR B 232 -22.42 -31.31 5.85
C TYR B 232 -21.25 -30.43 6.23
N CYS B 233 -20.04 -30.99 6.20
CA CYS B 233 -18.83 -30.23 6.46
C CYS B 233 -18.15 -29.88 5.14
N ALA B 234 -18.74 -28.93 4.42
CA ALA B 234 -18.19 -28.53 3.11
C ALA B 234 -16.86 -27.80 3.29
N ARG B 235 -16.02 -27.78 2.25
CA ARG B 235 -14.71 -27.11 2.32
C ARG B 235 -14.68 -25.97 1.30
N SER B 236 -14.47 -24.72 1.73
CA SER B 236 -14.53 -23.61 0.80
C SER B 236 -13.39 -23.69 -0.20
N GLY B 237 -13.74 -23.53 -1.48
CA GLY B 237 -12.72 -23.58 -2.54
C GLY B 237 -12.08 -22.24 -2.77
N GLY B 238 -11.36 -22.10 -3.88
CA GLY B 238 -10.66 -20.85 -4.22
C GLY B 238 -11.63 -19.76 -4.63
N PRO B 239 -12.24 -19.81 -5.84
CA PRO B 239 -13.23 -18.80 -6.21
C PRO B 239 -14.68 -19.23 -5.97
N TYR B 240 -14.88 -20.40 -5.36
CA TYR B 240 -16.26 -20.92 -5.14
C TYR B 240 -16.34 -21.51 -3.73
N PHE B 241 -17.55 -21.61 -3.19
CA PHE B 241 -17.73 -22.11 -1.81
C PHE B 241 -17.95 -23.62 -1.84
N PHE B 242 -17.69 -24.29 -0.72
CA PHE B 242 -18.00 -25.74 -0.62
C PHE B 242 -17.45 -26.52 -1.82
N ASP B 243 -16.16 -26.37 -2.11
CA ASP B 243 -15.54 -27.15 -3.21
C ASP B 243 -15.75 -28.64 -2.94
N TYR B 244 -15.44 -29.10 -1.72
CA TYR B 244 -15.64 -30.53 -1.34
C TYR B 244 -16.69 -30.59 -0.23
N TRP B 245 -17.13 -31.80 0.13
CA TRP B 245 -18.21 -31.95 1.14
C TRP B 245 -18.02 -33.24 1.93
N GLY B 246 -18.71 -33.37 3.08
CA GLY B 246 -18.68 -34.63 3.85
C GLY B 246 -19.92 -35.42 3.52
N GLN B 247 -19.99 -36.70 3.91
CA GLN B 247 -21.14 -37.56 3.51
C GLN B 247 -22.44 -36.97 4.06
N GLY B 248 -22.40 -36.38 5.27
CA GLY B 248 -23.63 -35.85 5.90
C GLY B 248 -24.01 -36.63 7.13
N THR B 249 -24.11 -35.96 8.28
CA THR B 249 -24.44 -36.65 9.53
C THR B 249 -25.82 -36.20 9.99
N LEU B 250 -26.84 -36.97 9.61
CA LEU B 250 -28.19 -36.68 10.06
C LEU B 250 -28.28 -36.81 11.58
N VAL B 251 -28.86 -35.80 12.22
CA VAL B 251 -28.98 -35.76 13.67
C VAL B 251 -30.46 -35.52 13.98
N THR B 252 -31.22 -36.60 14.16
CA THR B 252 -32.64 -36.51 14.45
C THR B 252 -32.83 -36.31 15.96
N VAL B 253 -33.53 -35.24 16.33
CA VAL B 253 -33.76 -34.89 17.72
C VAL B 253 -35.25 -34.74 17.96
N SER B 254 -35.78 -35.48 18.94
CA SER B 254 -37.19 -35.41 19.29
C SER B 254 -37.36 -35.93 20.70
N SER B 255 -38.51 -35.62 21.30
CA SER B 255 -38.83 -36.07 22.64
C SER B 255 -39.84 -37.22 22.60
#